data_7ZZO
#
_entry.id   7ZZO
#
_cell.length_a   92.079
_cell.length_b   97.444
_cell.length_c   139.049
_cell.angle_alpha   90.000
_cell.angle_beta   90.000
_cell.angle_gamma   90.000
#
_symmetry.space_group_name_H-M   'P 21 21 21'
#
loop_
_entity.id
_entity.type
_entity.pdbx_description
1 polymer 'Histone deacetylase 2'
2 non-polymer 'ZINC ION'
3 non-polymer 'CALCIUM ION'
4 non-polymer 'SODIUM ION'
5 non-polymer [(2~{R})-1-(dimethylamino)-3-(4-fluorophenyl)-1-oxidanylidene-propan-2-yl]azanium
6 non-polymer 'TETRAETHYLENE GLYCOL'
7 non-polymer DI(HYDROXYETHYL)ETHER
8 non-polymer 2-(cyclohexylazaniumyl)ethanesulfonate
9 water water
#
_entity_poly.entity_id   1
_entity_poly.type   'polypeptide(L)'
_entity_poly.pdbx_seq_one_letter_code
;MAYSQGGGKKKVCYYYDGDIGNYYYGQGHPMKPHRIRMTHNLLLNYGLYRKMEIYRPHKATAEEMTKYHSDEYIKFLRSI
RPDNMSEYSKQMQRFNVGEDCPVFDGLFEFCQLSTGGSVAGAVKLNRQQTDMAVNWAGGLHHAKKSEASGFCYVNDIVLA
ILELLKYHQRVLYIDIDIHHGDGVEEAFYTTDRVMTVSFHKYGEYFPGTGDLRDIGAGKGKYYAVNFPMRDGIDDESYGQ
IFKPIISKVMEMYQPSAVVLQCGADSLSGDRLGCFNLTVKGHAKCVEVVKTFNLPLLMLGGGGYTIRNVARCWTYETAVA
LDCEIPNELPYNDYFEYFGPDFKLHISPSNMTNQNTPEYMEKIKQRLFENLRMLPHAPGVQMQAIPEDAVHEDSGDEDGE
DPDKRISIRASDKRIACDEEFSDSEDEGEGGRRNVADHKKGAKKARIEEDKKETEDKKTDVKEEDKSKDNSGEKTDTKGT
KSEQLSNPGSSGHHHHHH
;
_entity_poly.pdbx_strand_id   A,B,C
#
# COMPACT_ATOMS: atom_id res chain seq x y z
N GLY A 8 41.27 -4.94 -23.94
CA GLY A 8 40.37 -5.92 -24.63
C GLY A 8 38.89 -5.56 -24.47
N LYS A 9 38.01 -6.50 -24.81
CA LYS A 9 36.56 -6.27 -24.71
C LYS A 9 36.10 -6.48 -23.28
N LYS A 10 35.09 -5.73 -22.86
CA LYS A 10 34.73 -5.74 -21.46
C LYS A 10 33.42 -6.51 -21.26
N LYS A 11 33.28 -7.15 -20.11
CA LYS A 11 32.00 -7.74 -19.71
C LYS A 11 31.09 -6.61 -19.23
N VAL A 12 29.87 -6.57 -19.76
CA VAL A 12 28.93 -5.53 -19.45
C VAL A 12 27.68 -6.14 -18.80
N CYS A 13 27.31 -5.62 -17.65
CA CYS A 13 26.03 -5.92 -17.02
C CYS A 13 25.14 -4.68 -17.08
N TYR A 14 23.92 -4.91 -17.55
CA TYR A 14 22.97 -3.88 -17.86
C TYR A 14 21.68 -4.09 -17.02
N TYR A 15 21.21 -2.99 -16.43
CA TYR A 15 20.12 -2.96 -15.44
C TYR A 15 18.89 -2.27 -16.03
N TYR A 16 17.75 -2.94 -15.96
CA TYR A 16 16.53 -2.42 -16.53
C TYR A 16 15.31 -3.07 -15.89
N ASP A 17 14.35 -2.26 -15.47
CA ASP A 17 13.03 -2.76 -15.11
C ASP A 17 12.00 -2.22 -16.07
N GLY A 18 11.27 -3.12 -16.75
CA GLY A 18 10.31 -2.72 -17.78
C GLY A 18 9.10 -1.95 -17.23
N ASP A 19 8.92 -1.92 -15.91
CA ASP A 19 7.92 -1.04 -15.31
C ASP A 19 8.29 0.45 -15.34
N ILE A 20 9.56 0.75 -15.54
CA ILE A 20 10.06 2.10 -15.47
C ILE A 20 9.34 3.01 -16.47
N GLY A 21 8.97 2.48 -17.62
CA GLY A 21 8.42 3.32 -18.71
C GLY A 21 7.01 3.80 -18.43
N ASN A 22 6.38 3.26 -17.38
CA ASN A 22 5.00 3.54 -17.06
C ASN A 22 4.86 4.66 -16.02
N TYR A 23 5.95 5.12 -15.41
CA TYR A 23 5.84 6.24 -14.46
C TYR A 23 5.64 7.53 -15.25
N TYR A 24 4.79 8.41 -14.73
CA TYR A 24 4.31 9.57 -15.48
C TYR A 24 4.38 10.83 -14.60
N TYR A 25 5.20 11.81 -15.02
CA TYR A 25 5.45 13.04 -14.25
C TYR A 25 4.28 14.00 -14.36
N GLY A 26 3.39 13.80 -15.34
CA GLY A 26 2.19 14.63 -15.49
C GLY A 26 2.18 15.34 -16.84
N GLN A 27 1.03 15.87 -17.19
CA GLN A 27 0.80 16.45 -18.51
C GLN A 27 1.72 17.67 -18.68
N GLY A 28 2.41 17.75 -19.81
CA GLY A 28 3.28 18.88 -20.07
C GLY A 28 4.66 18.72 -19.46
N HIS A 29 4.88 17.78 -18.55
CA HIS A 29 6.17 17.69 -17.88
C HIS A 29 7.20 17.04 -18.80
N PRO A 30 8.33 17.72 -19.08
CA PRO A 30 9.30 17.24 -20.08
C PRO A 30 10.02 15.92 -19.78
N MET A 31 10.04 15.52 -18.51
CA MET A 31 10.68 14.28 -18.08
C MET A 31 9.75 13.09 -18.39
N LYS A 32 10.21 12.19 -19.26
CA LYS A 32 9.40 11.08 -19.77
C LYS A 32 10.16 9.77 -19.50
N PRO A 33 9.85 9.09 -18.39
CA PRO A 33 10.51 7.80 -18.08
C PRO A 33 10.42 6.77 -19.20
N HIS A 34 9.34 6.84 -19.95
CA HIS A 34 9.13 6.09 -21.18
C HIS A 34 10.40 6.04 -22.05
N ARG A 35 11.21 7.11 -22.05
CA ARG A 35 12.44 7.14 -22.87
C ARG A 35 13.38 5.97 -22.52
N ILE A 36 13.28 5.42 -21.30
CA ILE A 36 14.19 4.32 -20.93
C ILE A 36 13.73 3.03 -21.61
N ARG A 37 12.41 2.88 -21.75
CA ARG A 37 11.80 1.77 -22.47
C ARG A 37 12.13 1.89 -23.96
N MET A 38 12.09 3.09 -24.53
CA MET A 38 12.46 3.28 -25.94
C MET A 38 13.91 2.87 -26.16
N THR A 39 14.77 3.27 -25.22
CA THR A 39 16.16 2.97 -25.30
C THR A 39 16.33 1.44 -25.34
N HIS A 40 15.75 0.79 -24.37
CA HIS A 40 15.86 -0.65 -24.19
C HIS A 40 15.36 -1.41 -25.42
N ASN A 41 14.19 -1.02 -25.89
CA ASN A 41 13.59 -1.68 -27.04
C ASN A 41 14.47 -1.50 -28.28
N LEU A 42 15.07 -0.32 -28.41
CA LEU A 42 15.91 -0.06 -29.56
C LEU A 42 17.16 -0.96 -29.50
N LEU A 43 17.82 -1.04 -28.35
CA LEU A 43 19.05 -1.83 -28.33
C LEU A 43 18.72 -3.34 -28.36
N LEU A 44 17.52 -3.77 -27.92
CA LEU A 44 17.15 -5.17 -28.06
C LEU A 44 17.03 -5.47 -29.55
N ASN A 45 16.47 -4.53 -30.29
CA ASN A 45 16.19 -4.76 -31.71
C ASN A 45 17.48 -4.71 -32.53
N TYR A 46 18.53 -4.08 -32.02
CA TYR A 46 19.87 -4.14 -32.63
C TYR A 46 20.61 -5.43 -32.22
N GLY A 47 20.05 -6.22 -31.31
CA GLY A 47 20.63 -7.53 -30.95
C GLY A 47 21.64 -7.42 -29.81
N LEU A 48 21.68 -6.29 -29.12
CA LEU A 48 22.79 -6.05 -28.19
C LEU A 48 22.63 -6.91 -26.92
N TYR A 49 21.45 -7.47 -26.68
CA TYR A 49 21.26 -8.47 -25.59
C TYR A 49 22.15 -9.71 -25.78
N ARG A 50 22.56 -10.00 -27.01
CA ARG A 50 23.37 -11.19 -27.30
C ARG A 50 24.77 -11.03 -26.67
N LYS A 51 25.18 -9.80 -26.38
CA LYS A 51 26.57 -9.47 -26.08
C LYS A 51 26.73 -9.08 -24.60
N MET A 52 25.67 -9.10 -23.81
CA MET A 52 25.78 -8.55 -22.47
C MET A 52 24.74 -9.19 -21.56
N GLU A 53 24.97 -9.08 -20.26
CA GLU A 53 24.07 -9.69 -19.29
C GLU A 53 23.04 -8.66 -18.89
N ILE A 54 21.76 -9.02 -18.94
CA ILE A 54 20.70 -8.07 -18.58
C ILE A 54 20.08 -8.44 -17.22
N TYR A 55 20.06 -7.51 -16.27
CA TYR A 55 19.49 -7.77 -14.93
C TYR A 55 18.32 -6.83 -14.66
N ARG A 56 17.37 -7.37 -13.93
CA ARG A 56 16.30 -6.53 -13.38
C ARG A 56 16.72 -6.16 -11.96
N PRO A 57 16.89 -4.88 -11.70
CA PRO A 57 17.38 -4.41 -10.40
C PRO A 57 16.32 -4.65 -9.32
N HIS A 58 16.77 -4.79 -8.07
CA HIS A 58 15.82 -4.79 -6.94
C HIS A 58 15.27 -3.38 -6.75
N LYS A 59 14.20 -3.26 -6.01
CA LYS A 59 13.76 -1.96 -5.52
C LYS A 59 14.54 -1.60 -4.26
N ALA A 60 15.38 -0.56 -4.33
CA ALA A 60 16.13 -0.10 -3.19
C ALA A 60 15.18 0.25 -2.03
N THR A 61 15.59 -0.06 -0.81
CA THR A 61 14.77 0.18 0.35
C THR A 61 15.06 1.56 0.92
N ALA A 62 14.16 2.04 1.79
CA ALA A 62 14.37 3.26 2.56
C ALA A 62 15.67 3.19 3.34
N GLU A 63 15.91 2.06 3.97
CA GLU A 63 17.20 1.82 4.60
C GLU A 63 18.35 2.17 3.66
N GLU A 64 18.37 1.59 2.45
CA GLU A 64 19.45 1.81 1.48
C GLU A 64 19.59 3.30 1.17
N MET A 65 18.46 3.97 1.03
CA MET A 65 18.43 5.36 0.61
C MET A 65 18.97 6.27 1.72
N THR A 66 18.75 5.91 2.98
CA THR A 66 19.22 6.74 4.09
C THR A 66 20.72 6.53 4.35
N LYS A 67 21.42 5.73 3.54
CA LYS A 67 22.88 5.79 3.53
C LYS A 67 23.33 7.20 3.14
N TYR A 68 22.51 7.95 2.39
CA TYR A 68 22.81 9.36 2.12
C TYR A 68 21.70 10.30 2.58
N HIS A 69 20.44 10.03 2.23
CA HIS A 69 19.36 10.95 2.50
C HIS A 69 18.91 10.86 3.96
N SER A 70 18.28 11.95 4.42
CA SER A 70 17.78 12.04 5.79
C SER A 70 16.56 11.12 5.95
N ASP A 71 16.43 10.58 7.15
CA ASP A 71 15.29 9.75 7.47
C ASP A 71 13.97 10.49 7.21
N GLU A 72 13.93 11.78 7.56
CA GLU A 72 12.69 12.56 7.43
C GLU A 72 12.33 12.71 5.94
N TYR A 73 13.33 12.95 5.09
CA TYR A 73 13.06 13.12 3.65
C TYR A 73 12.59 11.79 3.04
N ILE A 74 13.23 10.69 3.40
CA ILE A 74 12.86 9.40 2.79
C ILE A 74 11.47 8.97 3.32
N LYS A 75 11.19 9.23 4.59
CA LYS A 75 9.87 8.92 5.11
C LYS A 75 8.82 9.71 4.33
N PHE A 76 9.11 10.97 4.02
CA PHE A 76 8.16 11.76 3.26
C PHE A 76 8.03 11.15 1.86
N LEU A 77 9.13 10.85 1.16
CA LEU A 77 9.00 10.31 -0.21
C LEU A 77 8.12 9.05 -0.26
N ARG A 78 8.21 8.20 0.76
CA ARG A 78 7.45 6.94 0.68
C ARG A 78 6.02 7.11 1.20
N SER A 79 5.62 8.28 1.68
CA SER A 79 4.23 8.49 2.13
C SER A 79 3.44 9.33 1.14
N ILE A 80 4.08 10.25 0.44
CA ILE A 80 3.36 11.27 -0.30
C ILE A 80 2.68 10.62 -1.52
N ARG A 81 1.39 10.89 -1.71
CA ARG A 81 0.69 10.46 -2.92
C ARG A 81 -0.23 11.59 -3.41
N PRO A 82 -0.67 11.53 -4.67
CA PRO A 82 -1.63 12.51 -5.17
C PRO A 82 -2.89 12.66 -4.31
N ASP A 83 -3.33 11.59 -3.64
CA ASP A 83 -4.52 11.66 -2.82
C ASP A 83 -4.33 12.25 -1.43
N ASN A 84 -3.10 12.37 -0.92
CA ASN A 84 -2.94 12.93 0.46
C ASN A 84 -2.08 14.20 0.45
N MET A 85 -1.93 14.82 -0.73
CA MET A 85 -1.04 15.98 -0.97
C MET A 85 -1.44 17.18 -0.12
N SER A 86 -2.75 17.42 -0.06
CA SER A 86 -3.33 18.54 0.66
C SER A 86 -2.90 18.55 2.13
N GLU A 87 -2.62 17.38 2.69
CA GLU A 87 -2.31 17.25 4.12
C GLU A 87 -0.80 17.41 4.36
N TYR A 88 -0.04 17.51 3.28
CA TYR A 88 1.41 17.49 3.36
C TYR A 88 2.00 18.79 2.77
N SER A 89 1.17 19.80 2.58
CA SER A 89 1.60 21.01 1.85
C SER A 89 2.88 21.59 2.45
N LYS A 90 2.97 21.63 3.78
CA LYS A 90 4.19 22.11 4.47
C LYS A 90 5.40 21.25 4.10
N GLN A 91 5.23 19.93 4.20
CA GLN A 91 6.35 19.01 3.98
C GLN A 91 6.76 19.12 2.50
N MET A 92 5.79 19.30 1.62
CA MET A 92 6.07 19.40 0.20
C MET A 92 6.98 20.61 -0.08
N GLN A 93 6.69 21.74 0.55
CA GLN A 93 7.50 22.92 0.33
C GLN A 93 8.91 22.70 0.89
N ARG A 94 9.01 22.17 2.10
CA ARG A 94 10.32 21.94 2.74
C ARG A 94 11.20 21.03 1.87
N PHE A 95 10.62 19.96 1.31
CA PHE A 95 11.43 19.00 0.57
C PHE A 95 11.42 19.28 -0.95
N ASN A 96 10.89 20.43 -1.36
CA ASN A 96 10.91 20.90 -2.77
C ASN A 96 10.21 19.91 -3.71
N VAL A 97 9.06 19.45 -3.28
CA VAL A 97 8.24 18.57 -4.05
C VAL A 97 6.92 19.30 -4.35
N GLY A 98 6.39 19.05 -5.53
CA GLY A 98 5.03 19.51 -5.87
C GLY A 98 5.01 20.41 -7.10
N GLU A 99 6.18 20.75 -7.65
CA GLU A 99 6.28 21.66 -8.80
C GLU A 99 7.16 20.99 -9.87
N ASP A 100 8.44 21.39 -9.99
CA ASP A 100 9.45 20.74 -10.85
C ASP A 100 9.52 19.25 -10.66
N CYS A 101 9.34 18.87 -9.41
CA CYS A 101 9.47 17.54 -8.91
C CYS A 101 8.11 17.16 -8.33
N PRO A 102 7.14 16.88 -9.22
CA PRO A 102 5.78 16.67 -8.79
C PRO A 102 5.61 15.37 -8.01
N VAL A 103 4.44 15.27 -7.42
CA VAL A 103 3.93 14.06 -6.85
C VAL A 103 3.21 13.33 -7.99
N PHE A 104 3.61 12.09 -8.25
CA PHE A 104 2.87 11.25 -9.21
C PHE A 104 2.69 9.86 -8.61
N ASP A 105 1.71 9.14 -9.14
CA ASP A 105 1.47 7.76 -8.73
C ASP A 105 2.74 6.94 -8.91
N GLY A 106 3.15 6.29 -7.83
CA GLY A 106 4.30 5.36 -7.88
C GLY A 106 5.64 6.07 -7.82
N LEU A 107 5.64 7.33 -7.36
CA LEU A 107 6.89 8.13 -7.26
C LEU A 107 7.99 7.37 -6.50
N PHE A 108 7.64 6.83 -5.34
CA PHE A 108 8.65 6.17 -4.53
C PHE A 108 9.19 4.92 -5.27
N GLU A 109 8.32 4.12 -5.87
CA GLU A 109 8.75 2.92 -6.60
C GLU A 109 9.66 3.33 -7.76
N PHE A 110 9.33 4.42 -8.44
CA PHE A 110 10.20 4.94 -9.50
C PHE A 110 11.61 5.24 -8.93
N CYS A 111 11.68 5.88 -7.76
CA CYS A 111 12.97 6.15 -7.10
C CYS A 111 13.68 4.83 -6.75
N GLN A 112 12.92 3.86 -6.23
CA GLN A 112 13.50 2.58 -5.81
C GLN A 112 14.15 1.84 -6.98
N LEU A 113 13.54 1.90 -8.17
CA LEU A 113 14.03 1.21 -9.40
C LEU A 113 15.23 1.96 -10.00
N SER A 114 15.10 3.28 -10.07
CA SER A 114 16.18 4.13 -10.49
C SER A 114 17.42 3.84 -9.62
N THR A 115 17.22 3.85 -8.30
CA THR A 115 18.32 3.74 -7.37
C THR A 115 18.86 2.30 -7.39
N GLY A 116 17.95 1.33 -7.39
CA GLY A 116 18.33 -0.09 -7.34
C GLY A 116 19.28 -0.50 -8.46
N GLY A 117 19.06 0.03 -9.66
CA GLY A 117 19.98 -0.18 -10.81
C GLY A 117 21.39 0.30 -10.52
N SER A 118 21.51 1.48 -9.93
CA SER A 118 22.81 2.08 -9.73
C SER A 118 23.59 1.33 -8.64
N VAL A 119 22.94 1.04 -7.54
CA VAL A 119 23.57 0.31 -6.44
C VAL A 119 23.87 -1.14 -6.89
N ALA A 120 22.96 -1.80 -7.58
CA ALA A 120 23.19 -3.20 -8.04
C ALA A 120 24.40 -3.24 -8.98
N GLY A 121 24.54 -2.25 -9.84
CA GLY A 121 25.71 -2.17 -10.69
C GLY A 121 26.98 -1.98 -9.88
N ALA A 122 26.93 -1.14 -8.86
CA ALA A 122 28.10 -0.89 -8.01
C ALA A 122 28.50 -2.16 -7.26
N VAL A 123 27.51 -2.92 -6.78
CA VAL A 123 27.77 -4.20 -6.08
C VAL A 123 28.47 -5.15 -7.05
N LYS A 124 27.97 -5.21 -8.27
CA LYS A 124 28.49 -6.12 -9.29
C LYS A 124 30.00 -5.82 -9.53
N LEU A 125 30.33 -4.54 -9.63
CA LEU A 125 31.65 -4.05 -9.87
C LEU A 125 32.55 -4.35 -8.66
N ASN A 126 32.07 -4.07 -7.47
CA ASN A 126 32.80 -4.37 -6.24
C ASN A 126 33.11 -5.87 -6.17
N ARG A 127 32.19 -6.74 -6.60
CA ARG A 127 32.44 -8.18 -6.54
C ARG A 127 33.33 -8.62 -7.72
N GLN A 128 33.75 -7.71 -8.59
CA GLN A 128 34.60 -8.06 -9.72
C GLN A 128 33.87 -9.07 -10.61
N GLN A 129 32.54 -8.94 -10.77
CA GLN A 129 31.81 -9.87 -11.62
C GLN A 129 31.39 -9.18 -12.93
N THR A 130 31.80 -7.94 -13.10
CA THR A 130 31.63 -7.27 -14.38
C THR A 130 32.76 -6.26 -14.51
N ASP A 131 33.02 -5.79 -15.73
CA ASP A 131 33.94 -4.67 -15.94
C ASP A 131 33.17 -3.34 -15.99
N MET A 132 31.99 -3.39 -16.62
CA MET A 132 31.11 -2.25 -16.74
C MET A 132 29.68 -2.65 -16.30
N ALA A 133 29.00 -1.71 -15.62
CA ALA A 133 27.61 -1.81 -15.31
C ALA A 133 26.90 -0.58 -15.91
N VAL A 134 25.69 -0.79 -16.37
CA VAL A 134 24.94 0.27 -17.04
C VAL A 134 23.55 0.35 -16.41
N ASN A 135 23.19 1.54 -15.98
CA ASN A 135 21.83 1.80 -15.48
C ASN A 135 21.29 3.10 -16.10
N TRP A 136 20.61 3.03 -17.26
CA TRP A 136 20.15 4.26 -17.95
C TRP A 136 19.05 4.98 -17.19
N ALA A 137 18.37 4.29 -16.26
CA ALA A 137 17.31 4.91 -15.41
C ALA A 137 17.92 5.69 -14.24
N GLY A 138 19.24 5.67 -14.11
CA GLY A 138 19.93 6.39 -13.04
C GLY A 138 20.49 7.71 -13.54
N GLY A 139 21.43 8.26 -12.78
CA GLY A 139 22.05 9.52 -13.10
C GLY A 139 21.31 10.73 -12.56
N LEU A 140 20.53 10.60 -11.47
CA LEU A 140 19.66 11.73 -11.06
C LEU A 140 20.45 12.68 -10.12
N HIS A 141 21.39 13.40 -10.75
CA HIS A 141 22.52 14.07 -10.06
C HIS A 141 22.09 15.27 -9.20
N HIS A 142 20.85 15.75 -9.27
CA HIS A 142 20.49 16.99 -8.54
C HIS A 142 19.84 16.71 -7.19
N ALA A 143 19.49 15.46 -6.90
CA ALA A 143 18.83 15.20 -5.62
C ALA A 143 19.82 15.45 -4.48
N LYS A 144 19.34 16.07 -3.42
CA LYS A 144 20.16 16.49 -2.29
C LYS A 144 19.79 15.67 -1.06
N LYS A 145 20.58 15.81 0.00
CA LYS A 145 20.41 15.00 1.20
C LYS A 145 18.94 15.02 1.65
N SER A 146 18.34 16.21 1.73
CA SER A 146 16.99 16.35 2.27
C SER A 146 16.11 17.16 1.32
N GLU A 147 16.35 17.11 0.02
CA GLU A 147 15.37 17.76 -0.84
C GLU A 147 15.50 17.25 -2.27
N ALA A 148 14.37 17.28 -2.94
CA ALA A 148 14.27 17.00 -4.35
C ALA A 148 14.78 18.23 -5.11
N SER A 149 15.28 18.03 -6.32
CA SER A 149 15.61 19.15 -7.20
C SER A 149 15.69 18.68 -8.66
N GLY A 150 15.25 19.54 -9.57
CA GLY A 150 15.48 19.34 -11.01
C GLY A 150 15.01 17.99 -11.53
N PHE A 151 13.80 17.59 -11.13
CA PHE A 151 13.12 16.35 -11.55
C PHE A 151 13.71 15.10 -10.85
N CYS A 152 14.70 15.29 -9.98
CA CYS A 152 15.39 14.22 -9.29
C CYS A 152 14.94 14.19 -7.84
N TYR A 153 14.63 13.01 -7.30
CA TYR A 153 14.25 12.88 -5.90
C TYR A 153 15.29 12.16 -5.05
N VAL A 154 15.79 11.02 -5.53
CA VAL A 154 16.78 10.25 -4.78
C VAL A 154 18.06 10.19 -5.61
N ASN A 155 19.21 10.40 -4.93
CA ASN A 155 20.44 10.55 -5.65
C ASN A 155 21.12 9.18 -5.77
N ASP A 156 20.70 8.44 -6.79
CA ASP A 156 21.23 7.12 -7.07
C ASP A 156 22.74 7.15 -7.24
N ILE A 157 23.30 8.26 -7.71
CA ILE A 157 24.73 8.29 -8.02
C ILE A 157 25.50 8.31 -6.70
N VAL A 158 25.08 9.17 -5.80
CA VAL A 158 25.72 9.26 -4.50
C VAL A 158 25.66 7.89 -3.81
N LEU A 159 24.52 7.22 -3.87
CA LEU A 159 24.36 5.94 -3.17
C LEU A 159 25.27 4.88 -3.82
N ALA A 160 25.39 4.89 -5.14
CA ALA A 160 26.30 3.95 -5.86
C ALA A 160 27.76 4.21 -5.47
N ILE A 161 28.15 5.45 -5.38
CA ILE A 161 29.54 5.79 -5.05
C ILE A 161 29.82 5.38 -3.60
N LEU A 162 28.85 5.58 -2.70
CA LEU A 162 29.02 5.12 -1.32
C LEU A 162 29.23 3.59 -1.33
N GLU A 163 28.55 2.88 -2.21
CA GLU A 163 28.75 1.40 -2.32
C GLU A 163 30.17 1.12 -2.82
N LEU A 164 30.61 1.79 -3.89
CA LEU A 164 31.97 1.62 -4.41
C LEU A 164 33.01 1.94 -3.33
N LEU A 165 32.76 2.95 -2.49
CA LEU A 165 33.77 3.36 -1.49
C LEU A 165 34.00 2.25 -0.47
N LYS A 166 33.12 1.26 -0.39
CA LYS A 166 33.37 0.16 0.50
C LYS A 166 34.64 -0.60 0.07
N TYR A 167 34.95 -0.63 -1.22
CA TYR A 167 36.09 -1.43 -1.68
C TYR A 167 37.11 -0.55 -2.43
N HIS A 168 36.79 0.71 -2.73
CA HIS A 168 37.67 1.60 -3.52
C HIS A 168 38.06 2.83 -2.69
N GLN A 169 39.37 3.06 -2.51
CA GLN A 169 39.81 4.21 -1.75
C GLN A 169 39.44 5.48 -2.52
N ARG A 170 39.61 5.50 -3.86
CA ARG A 170 39.36 6.71 -4.68
C ARG A 170 38.38 6.39 -5.82
N VAL A 171 37.26 7.12 -5.89
CA VAL A 171 36.29 6.97 -6.97
C VAL A 171 36.21 8.28 -7.75
N LEU A 172 36.16 8.19 -9.08
CA LEU A 172 36.11 9.36 -9.96
C LEU A 172 34.72 9.43 -10.59
N TYR A 173 34.09 10.59 -10.47
CA TYR A 173 32.79 10.78 -11.01
C TYR A 173 32.90 11.77 -12.16
N ILE A 174 32.32 11.44 -13.30
CA ILE A 174 32.40 12.31 -14.49
C ILE A 174 30.98 12.54 -15.02
N ASP A 175 30.68 13.79 -15.37
CA ASP A 175 29.31 14.20 -15.64
C ASP A 175 29.20 15.04 -16.96
N ILE A 176 28.61 14.46 -18.03
CA ILE A 176 28.58 15.10 -19.37
C ILE A 176 27.15 15.54 -19.72
N ASP A 177 26.25 15.39 -18.76
CA ASP A 177 24.95 16.07 -18.74
C ASP A 177 25.22 17.56 -18.96
N ILE A 178 24.30 18.23 -19.63
CA ILE A 178 24.44 19.66 -19.85
C ILE A 178 24.36 20.41 -18.52
N HIS A 179 23.71 19.83 -17.51
CA HIS A 179 23.59 20.48 -16.20
C HIS A 179 24.76 20.08 -15.29
N HIS A 180 25.14 20.97 -14.39
CA HIS A 180 26.14 20.67 -13.35
C HIS A 180 25.64 19.57 -12.41
N GLY A 181 26.52 18.67 -12.03
CA GLY A 181 26.22 17.59 -11.08
C GLY A 181 26.23 18.07 -9.63
N ASP A 182 25.33 18.99 -9.29
CA ASP A 182 25.43 19.67 -7.98
C ASP A 182 25.20 18.75 -6.79
N GLY A 183 24.24 17.83 -6.88
CA GLY A 183 23.97 16.97 -5.74
C GLY A 183 25.11 16.02 -5.43
N VAL A 184 25.84 15.62 -6.46
CA VAL A 184 26.96 14.69 -6.28
C VAL A 184 28.17 15.48 -5.77
N GLU A 185 28.44 16.61 -6.37
CA GLU A 185 29.52 17.45 -5.93
C GLU A 185 29.34 17.84 -4.44
N GLU A 186 28.11 18.22 -4.11
CA GLU A 186 27.76 18.63 -2.74
C GLU A 186 28.04 17.50 -1.75
N ALA A 187 27.60 16.30 -2.07
CA ALA A 187 27.76 15.18 -1.16
C ALA A 187 29.24 14.92 -0.84
N PHE A 188 30.12 15.13 -1.81
CA PHE A 188 31.51 14.70 -1.68
C PHE A 188 32.46 15.90 -1.66
N TYR A 189 31.94 17.10 -1.41
CA TYR A 189 32.70 18.34 -1.60
C TYR A 189 33.89 18.40 -0.64
N THR A 190 33.80 17.74 0.52
CA THR A 190 34.81 17.88 1.55
C THR A 190 35.63 16.61 1.70
N THR A 191 35.53 15.67 0.76
CA THR A 191 36.36 14.48 0.78
C THR A 191 37.21 14.36 -0.48
N ASP A 192 38.43 13.91 -0.28
CA ASP A 192 39.28 13.51 -1.38
C ASP A 192 39.04 12.09 -1.89
N ARG A 193 38.10 11.35 -1.30
CA ARG A 193 37.86 9.95 -1.70
C ARG A 193 36.95 9.90 -2.92
N VAL A 194 36.35 11.02 -3.30
CA VAL A 194 35.61 11.12 -4.54
C VAL A 194 35.99 12.43 -5.23
N MET A 195 36.47 12.33 -6.46
CA MET A 195 36.70 13.49 -7.28
C MET A 195 35.52 13.60 -8.27
N THR A 196 34.92 14.79 -8.33
CA THR A 196 33.79 15.03 -9.20
C THR A 196 34.23 15.97 -10.32
N VAL A 197 33.96 15.55 -11.54
CA VAL A 197 34.31 16.32 -12.70
C VAL A 197 33.05 16.55 -13.54
N SER A 198 32.63 17.79 -13.64
CA SER A 198 31.42 18.09 -14.35
C SER A 198 31.70 19.07 -15.48
N PHE A 199 31.15 18.75 -16.65
CA PHE A 199 31.12 19.66 -17.80
C PHE A 199 29.68 20.10 -18.00
N HIS A 200 29.42 21.38 -18.24
CA HIS A 200 28.04 21.83 -18.20
C HIS A 200 27.93 23.28 -18.69
N LYS A 201 26.71 23.60 -19.13
CA LYS A 201 26.33 24.99 -19.44
C LYS A 201 26.35 25.79 -18.14
N TYR A 202 26.87 27.02 -18.21
CA TYR A 202 26.98 27.87 -17.05
C TYR A 202 26.70 29.31 -17.47
N GLY A 203 25.79 29.93 -16.72
CA GLY A 203 25.33 31.30 -16.99
C GLY A 203 23.82 31.34 -17.15
N GLU A 204 23.13 31.91 -16.15
CA GLU A 204 21.64 31.92 -16.06
C GLU A 204 21.09 30.60 -16.60
N TYR A 205 21.34 29.53 -15.84
CA TYR A 205 20.93 28.17 -16.25
C TYR A 205 20.88 27.24 -15.04
N PHE A 206 19.84 26.39 -14.96
CA PHE A 206 19.69 25.44 -13.84
C PHE A 206 20.96 24.59 -13.73
N PRO A 207 21.44 24.26 -12.50
CA PRO A 207 20.96 24.76 -11.22
C PRO A 207 21.62 26.07 -10.74
N GLY A 208 22.58 26.62 -11.49
CA GLY A 208 23.25 27.88 -11.14
C GLY A 208 24.61 27.67 -10.46
N THR A 209 25.08 26.43 -10.39
CA THR A 209 26.37 26.14 -9.76
C THR A 209 27.30 25.53 -10.82
N GLY A 210 28.52 25.22 -10.39
CA GLY A 210 29.55 24.70 -11.27
C GLY A 210 30.42 25.78 -11.88
N ASP A 211 30.64 26.89 -11.17
CA ASP A 211 31.68 27.87 -11.53
C ASP A 211 33.03 27.13 -11.49
N LEU A 212 34.01 27.45 -12.36
CA LEU A 212 35.31 26.72 -12.27
C LEU A 212 36.03 27.08 -10.96
N ARG A 213 35.64 28.16 -10.29
CA ARG A 213 36.27 28.50 -9.06
C ARG A 213 35.73 27.63 -7.92
N ASP A 214 34.72 26.79 -8.14
CA ASP A 214 34.27 25.86 -7.15
C ASP A 214 35.15 24.63 -7.26
N ILE A 215 36.06 24.45 -6.30
CA ILE A 215 37.10 23.42 -6.41
C ILE A 215 37.04 22.41 -5.25
N GLY A 216 36.07 22.54 -4.35
CA GLY A 216 36.00 21.71 -3.16
C GLY A 216 36.57 22.42 -1.95
N ALA A 217 36.44 21.80 -0.79
CA ALA A 217 36.78 22.41 0.48
C ALA A 217 37.36 21.37 1.44
N GLY A 218 38.11 21.83 2.44
CA GLY A 218 38.71 20.91 3.42
C GLY A 218 39.58 19.89 2.70
N LYS A 219 39.51 18.63 3.12
CA LYS A 219 40.29 17.55 2.46
C LYS A 219 39.84 17.38 1.01
N GLY A 220 38.64 17.86 0.65
CA GLY A 220 38.16 17.77 -0.73
C GLY A 220 38.61 18.94 -1.60
N LYS A 221 39.38 19.89 -1.06
CA LYS A 221 39.83 21.03 -1.87
C LYS A 221 40.75 20.54 -3.00
N TYR A 222 40.37 20.90 -4.24
CA TYR A 222 41.01 20.50 -5.49
C TYR A 222 40.44 19.18 -6.01
N TYR A 223 39.43 18.60 -5.34
CA TYR A 223 38.82 17.33 -5.82
C TYR A 223 37.41 17.58 -6.39
N ALA A 224 37.06 18.85 -6.60
CA ALA A 224 35.91 19.17 -7.43
C ALA A 224 36.43 19.97 -8.63
N VAL A 225 35.99 19.57 -9.82
CA VAL A 225 36.51 20.12 -11.07
C VAL A 225 35.31 20.50 -11.92
N ASN A 226 35.26 21.76 -12.35
CA ASN A 226 34.07 22.25 -13.03
C ASN A 226 34.49 22.92 -14.35
N PHE A 227 33.94 22.47 -15.47
CA PHE A 227 34.20 23.10 -16.76
C PHE A 227 32.94 23.81 -17.26
N PRO A 228 32.80 25.08 -16.92
CA PRO A 228 31.67 25.86 -17.40
C PRO A 228 31.71 26.19 -18.91
N MET A 229 30.60 25.99 -19.59
CA MET A 229 30.50 26.17 -21.04
C MET A 229 29.36 27.12 -21.41
N ARG A 230 29.48 27.72 -22.57
CA ARG A 230 28.45 28.54 -23.18
C ARG A 230 27.61 27.71 -24.15
N ASP A 231 26.52 28.30 -24.66
CA ASP A 231 25.64 27.64 -25.61
C ASP A 231 26.37 27.19 -26.86
N GLY A 232 25.95 26.04 -27.39
CA GLY A 232 26.26 25.71 -28.77
C GLY A 232 27.56 24.95 -28.93
N ILE A 233 28.12 24.41 -27.86
CA ILE A 233 29.34 23.64 -28.01
C ILE A 233 29.10 22.47 -28.97
N ASP A 234 30.10 22.17 -29.77
CA ASP A 234 29.99 21.18 -30.84
C ASP A 234 30.97 20.03 -30.59
N ASP A 235 30.89 18.99 -31.42
CA ASP A 235 31.68 17.77 -31.15
C ASP A 235 33.18 18.12 -31.04
N GLU A 236 33.63 19.04 -31.87
CA GLU A 236 35.05 19.32 -31.97
C GLU A 236 35.53 20.15 -30.77
N SER A 237 34.79 21.16 -30.31
CA SER A 237 35.20 21.91 -29.11
C SER A 237 35.17 20.99 -27.87
N TYR A 238 34.16 20.15 -27.78
CA TYR A 238 34.06 19.27 -26.61
C TYR A 238 35.23 18.29 -26.62
N GLY A 239 35.49 17.73 -27.80
CA GLY A 239 36.52 16.73 -27.94
C GLY A 239 37.91 17.29 -27.69
N GLN A 240 38.09 18.58 -28.01
CA GLN A 240 39.31 19.37 -27.79
C GLN A 240 39.67 19.28 -26.29
N ILE A 241 38.71 19.22 -25.40
CA ILE A 241 39.07 19.38 -24.00
C ILE A 241 38.75 18.13 -23.16
N PHE A 242 37.87 17.25 -23.58
CA PHE A 242 37.48 16.16 -22.70
C PHE A 242 38.64 15.17 -22.47
N LYS A 243 39.22 14.65 -23.55
CA LYS A 243 40.28 13.66 -23.43
C LYS A 243 41.44 14.24 -22.60
N PRO A 244 41.95 15.45 -22.95
CA PRO A 244 43.02 16.02 -22.12
C PRO A 244 42.69 16.18 -20.62
N ILE A 245 41.50 16.68 -20.28
CA ILE A 245 41.11 16.86 -18.88
CA ILE A 245 41.13 16.85 -18.87
C ILE A 245 41.02 15.48 -18.21
N ILE A 246 40.33 14.55 -18.83
CA ILE A 246 40.16 13.26 -18.18
C ILE A 246 41.55 12.59 -18.04
N SER A 247 42.39 12.62 -19.07
CA SER A 247 43.72 11.96 -18.94
C SER A 247 44.49 12.51 -17.74
N LYS A 248 44.45 13.82 -17.57
CA LYS A 248 45.18 14.48 -16.49
C LYS A 248 44.60 14.09 -15.12
N VAL A 249 43.26 14.08 -15.04
CA VAL A 249 42.58 13.64 -13.85
C VAL A 249 43.01 12.20 -13.51
N MET A 250 42.99 11.31 -14.49
CA MET A 250 43.36 9.91 -14.27
C MET A 250 44.79 9.82 -13.77
N GLU A 251 45.67 10.56 -14.43
CA GLU A 251 47.08 10.56 -14.09
C GLU A 251 47.31 11.07 -12.66
N MET A 252 46.67 12.19 -12.31
CA MET A 252 46.91 12.81 -11.02
C MET A 252 46.12 12.10 -9.92
N TYR A 253 44.90 11.64 -10.17
CA TYR A 253 44.02 11.16 -9.11
C TYR A 253 44.14 9.63 -8.95
N GLN A 254 44.36 8.90 -10.04
CA GLN A 254 44.53 7.42 -9.98
C GLN A 254 43.36 6.75 -9.25
N PRO A 255 42.17 6.92 -9.76
CA PRO A 255 40.98 6.34 -9.14
C PRO A 255 41.02 4.83 -9.37
N SER A 256 40.32 4.04 -8.57
CA SER A 256 40.22 2.59 -8.82
C SER A 256 38.84 2.25 -9.36
N ALA A 257 37.93 3.22 -9.37
CA ALA A 257 36.63 3.02 -9.97
C ALA A 257 36.11 4.33 -10.51
N VAL A 258 35.27 4.24 -11.55
CA VAL A 258 34.77 5.42 -12.24
C VAL A 258 33.23 5.33 -12.35
N VAL A 259 32.57 6.45 -12.11
CA VAL A 259 31.12 6.60 -12.43
C VAL A 259 30.98 7.68 -13.49
N LEU A 260 30.33 7.34 -14.60
CA LEU A 260 30.14 8.25 -15.70
C LEU A 260 28.64 8.52 -15.89
N GLN A 261 28.21 9.74 -15.59
CA GLN A 261 26.81 10.18 -15.83
C GLN A 261 26.75 10.66 -17.28
N CYS A 262 25.85 10.10 -18.10
CA CYS A 262 25.82 10.32 -19.55
C CYS A 262 24.53 11.01 -19.98
N GLY A 263 24.06 11.96 -19.18
CA GLY A 263 22.89 12.71 -19.53
C GLY A 263 22.93 13.23 -20.95
N ALA A 264 21.81 13.06 -21.65
CA ALA A 264 21.75 13.24 -23.08
C ALA A 264 21.12 14.59 -23.46
N ASP A 265 20.90 15.45 -22.47
CA ASP A 265 20.37 16.75 -22.73
C ASP A 265 21.49 17.67 -23.21
N SER A 266 22.71 17.16 -23.31
CA SER A 266 23.81 17.86 -23.95
C SER A 266 23.85 17.62 -25.46
N LEU A 267 22.92 16.83 -26.01
CA LEU A 267 22.80 16.65 -27.47
C LEU A 267 22.13 17.83 -28.18
N SER A 268 22.57 18.05 -29.41
CA SER A 268 21.87 18.90 -30.39
C SER A 268 20.37 18.60 -30.41
N GLY A 269 19.59 19.68 -30.30
CA GLY A 269 18.12 19.65 -30.44
C GLY A 269 17.40 19.17 -29.18
N ASP A 270 18.07 19.11 -28.03
CA ASP A 270 17.39 18.71 -26.84
C ASP A 270 16.35 19.79 -26.49
N ARG A 271 15.18 19.36 -26.05
CA ARG A 271 14.07 20.27 -25.79
C ARG A 271 14.45 21.31 -24.72
N LEU A 272 15.28 20.96 -23.75
CA LEU A 272 15.66 21.88 -22.67
C LEU A 272 17.13 22.32 -22.82
N GLY A 273 17.91 21.61 -23.60
CA GLY A 273 19.35 21.87 -23.70
C GLY A 273 19.69 22.92 -24.75
N CYS A 274 20.93 23.42 -24.70
CA CYS A 274 21.39 24.46 -25.59
C CYS A 274 22.79 24.11 -26.14
N PHE A 275 23.14 22.81 -26.16
CA PHE A 275 24.41 22.36 -26.75
C PHE A 275 24.16 21.86 -28.18
N ASN A 276 25.23 21.53 -28.88
CA ASN A 276 25.15 21.10 -30.28
C ASN A 276 25.99 19.83 -30.50
N LEU A 277 26.00 18.91 -29.55
CA LEU A 277 26.74 17.65 -29.75
C LEU A 277 25.92 16.65 -30.57
N THR A 278 26.62 15.80 -31.31
CA THR A 278 25.97 14.62 -31.91
C THR A 278 26.09 13.42 -30.97
N VAL A 279 25.43 12.33 -31.33
CA VAL A 279 25.51 11.10 -30.56
C VAL A 279 26.96 10.59 -30.62
N LYS A 280 27.63 10.70 -31.77
CA LYS A 280 29.05 10.31 -31.85
C LYS A 280 29.91 11.19 -30.94
N GLY A 281 29.66 12.51 -30.95
CA GLY A 281 30.46 13.38 -30.09
C GLY A 281 30.29 13.08 -28.61
N HIS A 282 29.05 12.83 -28.23
CA HIS A 282 28.69 12.45 -26.87
C HIS A 282 29.38 11.15 -26.51
N ALA A 283 29.24 10.15 -27.38
CA ALA A 283 29.71 8.81 -27.12
C ALA A 283 31.24 8.76 -27.11
N LYS A 284 31.92 9.70 -27.75
CA LYS A 284 33.37 9.71 -27.72
C LYS A 284 33.81 9.79 -26.25
N CYS A 285 33.01 10.43 -25.40
CA CYS A 285 33.35 10.56 -24.00
C CYS A 285 33.37 9.18 -23.33
N VAL A 286 32.43 8.33 -23.72
CA VAL A 286 32.38 6.97 -23.17
C VAL A 286 33.63 6.23 -23.65
N GLU A 287 33.93 6.40 -24.95
CA GLU A 287 35.10 5.76 -25.52
C GLU A 287 36.34 6.13 -24.69
N VAL A 288 36.51 7.42 -24.40
CA VAL A 288 37.70 7.91 -23.73
C VAL A 288 37.84 7.27 -22.34
N VAL A 289 36.76 7.29 -21.58
CA VAL A 289 36.78 6.82 -20.22
C VAL A 289 37.02 5.31 -20.20
N LYS A 290 36.37 4.59 -21.12
CA LYS A 290 36.58 3.14 -21.29
C LYS A 290 38.05 2.75 -21.42
N THR A 291 38.86 3.58 -22.08
CA THR A 291 40.24 3.22 -22.40
C THR A 291 41.10 3.13 -21.14
N PHE A 292 40.68 3.68 -20.01
CA PHE A 292 41.50 3.65 -18.82
C PHE A 292 41.39 2.28 -18.15
N ASN A 293 40.44 1.45 -18.58
CA ASN A 293 40.40 0.04 -18.21
C ASN A 293 40.15 -0.07 -16.70
N LEU A 294 39.25 0.77 -16.19
CA LEU A 294 38.88 0.76 -14.78
C LEU A 294 37.42 0.31 -14.63
N PRO A 295 37.10 -0.30 -13.49
CA PRO A 295 35.69 -0.64 -13.20
C PRO A 295 34.83 0.61 -13.43
N LEU A 296 33.79 0.51 -14.28
CA LEU A 296 33.06 1.67 -14.76
C LEU A 296 31.55 1.42 -14.60
N LEU A 297 30.87 2.31 -13.87
CA LEU A 297 29.41 2.41 -13.81
C LEU A 297 28.91 3.53 -14.72
N MET A 298 28.16 3.19 -15.77
CA MET A 298 27.59 4.20 -16.68
C MET A 298 26.08 4.42 -16.35
N LEU A 299 25.73 5.68 -16.17
CA LEU A 299 24.37 6.04 -15.79
C LEU A 299 23.78 7.00 -16.83
N GLY A 300 22.45 7.12 -16.78
CA GLY A 300 21.73 8.06 -17.59
C GLY A 300 21.74 9.46 -16.99
N GLY A 301 20.64 10.15 -17.14
CA GLY A 301 20.55 11.57 -16.76
C GLY A 301 19.42 12.26 -17.47
N GLY A 302 19.60 13.55 -17.68
CA GLY A 302 18.64 14.34 -18.43
C GLY A 302 18.55 13.91 -19.88
N GLY A 303 17.57 14.49 -20.58
CA GLY A 303 17.36 14.23 -22.00
C GLY A 303 15.88 14.28 -22.33
N TYR A 304 15.50 15.20 -23.21
CA TYR A 304 14.10 15.66 -23.32
C TYR A 304 13.64 15.59 -24.79
N THR A 305 14.53 15.43 -25.74
CA THR A 305 14.12 15.02 -27.10
C THR A 305 14.26 13.49 -27.19
N ILE A 306 13.18 12.74 -26.98
CA ILE A 306 13.38 11.38 -26.46
C ILE A 306 13.87 10.41 -27.55
N ARG A 307 13.56 10.64 -28.82
CA ARG A 307 14.14 9.88 -29.89
C ARG A 307 15.68 9.95 -29.83
N ASN A 308 16.23 11.13 -29.53
CA ASN A 308 17.68 11.30 -29.54
C ASN A 308 18.30 10.68 -28.26
N VAL A 309 17.58 10.70 -27.15
CA VAL A 309 18.01 9.98 -25.93
C VAL A 309 18.10 8.48 -26.24
N ALA A 310 17.10 7.94 -26.94
CA ALA A 310 17.13 6.51 -27.24
C ALA A 310 18.32 6.17 -28.15
N ARG A 311 18.55 6.97 -29.17
CA ARG A 311 19.73 6.80 -30.03
C ARG A 311 21.01 6.81 -29.19
N CYS A 312 21.10 7.81 -28.31
CA CYS A 312 22.35 8.13 -27.63
C CYS A 312 22.75 6.95 -26.72
N TRP A 313 21.82 6.51 -25.91
CA TRP A 313 22.09 5.48 -24.92
C TRP A 313 22.19 4.10 -25.60
N THR A 314 21.51 3.90 -26.74
CA THR A 314 21.70 2.66 -27.53
C THR A 314 23.12 2.63 -28.08
N TYR A 315 23.56 3.75 -28.67
CA TYR A 315 24.90 3.78 -29.26
C TYR A 315 25.94 3.61 -28.15
N GLU A 316 25.70 4.20 -27.01
CA GLU A 316 26.68 4.17 -25.92
C GLU A 316 26.69 2.79 -25.26
N THR A 317 25.58 2.06 -25.31
CA THR A 317 25.61 0.64 -24.95
C THR A 317 26.52 -0.11 -25.94
N ALA A 318 26.35 0.15 -27.23
CA ALA A 318 27.14 -0.53 -28.27
C ALA A 318 28.62 -0.19 -28.12
N VAL A 319 28.92 1.07 -27.77
CA VAL A 319 30.29 1.48 -27.48
C VAL A 319 30.82 0.66 -26.29
N ALA A 320 30.07 0.55 -25.21
CA ALA A 320 30.53 -0.18 -24.03
C ALA A 320 30.91 -1.61 -24.45
N LEU A 321 30.14 -2.17 -25.41
CA LEU A 321 30.27 -3.55 -25.87
C LEU A 321 31.31 -3.70 -27.01
N ASP A 322 31.87 -2.58 -27.49
CA ASP A 322 32.71 -2.59 -28.68
C ASP A 322 32.07 -3.35 -29.83
N CYS A 323 30.78 -3.14 -29.98
CA CYS A 323 29.96 -3.81 -30.98
C CYS A 323 29.44 -2.74 -31.95
N GLU A 324 29.92 -2.79 -33.19
CA GLU A 324 29.50 -1.90 -34.24
C GLU A 324 28.05 -2.22 -34.61
N ILE A 325 27.24 -1.18 -34.80
CA ILE A 325 25.86 -1.33 -35.22
C ILE A 325 25.61 -0.40 -36.41
N PRO A 326 24.72 -0.80 -37.29
CA PRO A 326 24.43 0.00 -38.45
C PRO A 326 23.62 1.27 -38.16
N ASN A 327 23.79 2.23 -39.07
CA ASN A 327 23.16 3.54 -38.94
C ASN A 327 21.67 3.37 -39.24
N GLU A 328 21.32 2.44 -40.13
CA GLU A 328 19.94 2.11 -40.42
C GLU A 328 19.32 1.48 -39.16
N LEU A 329 18.33 2.19 -38.56
CA LEU A 329 17.64 1.70 -37.35
C LEU A 329 16.86 0.42 -37.68
N PRO A 330 16.93 -0.58 -36.78
CA PRO A 330 16.10 -1.74 -37.00
C PRO A 330 14.63 -1.40 -36.67
N TYR A 331 13.68 -2.17 -37.16
CA TYR A 331 12.32 -2.01 -36.70
C TYR A 331 12.26 -2.19 -35.18
N ASN A 332 11.36 -1.45 -34.55
CA ASN A 332 11.18 -1.49 -33.12
C ASN A 332 9.79 -0.93 -32.77
N ASP A 333 9.42 -1.05 -31.50
CA ASP A 333 8.10 -0.62 -31.08
C ASP A 333 7.85 0.90 -31.13
N TYR A 334 8.91 1.69 -31.30
CA TYR A 334 8.84 3.15 -31.33
C TYR A 334 9.30 3.70 -32.68
N PHE A 335 9.20 2.88 -33.72
CA PHE A 335 9.90 3.20 -34.97
C PHE A 335 9.52 4.61 -35.45
N GLU A 336 8.21 4.96 -35.38
CA GLU A 336 7.68 6.25 -35.87
C GLU A 336 8.36 7.45 -35.17
N TYR A 337 8.92 7.28 -33.97
CA TYR A 337 9.55 8.42 -33.27
C TYR A 337 10.84 8.85 -33.97
N PHE A 338 11.42 7.96 -34.79
CA PHE A 338 12.76 8.17 -35.37
C PHE A 338 12.68 8.74 -36.77
N GLY A 339 11.48 8.97 -37.29
CA GLY A 339 11.34 9.73 -38.51
C GLY A 339 11.94 11.12 -38.39
N PRO A 340 12.13 11.80 -39.49
CA PRO A 340 11.80 11.32 -40.85
C PRO A 340 12.89 10.47 -41.55
N ASP A 341 14.05 10.36 -40.90
CA ASP A 341 15.24 9.68 -41.41
C ASP A 341 15.36 8.19 -40.98
N PHE A 342 14.92 7.82 -39.80
CA PHE A 342 15.01 6.44 -39.30
C PHE A 342 16.47 5.95 -39.25
N LYS A 343 17.39 6.84 -38.89
CA LYS A 343 18.80 6.48 -38.69
C LYS A 343 19.21 6.66 -37.22
N LEU A 344 20.32 6.04 -36.84
CA LEU A 344 20.81 6.10 -35.48
C LEU A 344 21.43 7.47 -35.16
N HIS A 345 22.25 7.97 -36.10
CA HIS A 345 23.08 9.13 -35.84
C HIS A 345 22.31 10.39 -36.20
N ILE A 346 22.72 11.51 -35.58
CA ILE A 346 22.07 12.79 -35.77
C ILE A 346 23.08 13.83 -36.27
N SER A 347 22.53 14.86 -36.90
CA SER A 347 23.27 16.02 -37.39
C SER A 347 23.27 17.13 -36.34
N PRO A 348 24.33 17.91 -36.27
CA PRO A 348 24.25 19.11 -35.47
C PRO A 348 23.36 20.16 -36.17
N SER A 349 22.92 21.13 -35.40
CA SER A 349 22.21 22.28 -35.92
C SER A 349 23.22 23.32 -36.40
N ASN A 350 22.71 24.40 -36.99
CA ASN A 350 23.54 25.54 -37.43
C ASN A 350 23.62 26.58 -36.30
N MET A 351 23.17 26.26 -35.09
CA MET A 351 23.27 27.22 -33.99
C MET A 351 24.73 27.65 -33.80
N THR A 352 24.94 28.88 -33.35
CA THR A 352 26.26 29.43 -33.11
C THR A 352 26.88 28.75 -31.88
N ASN A 353 28.15 28.42 -31.99
CA ASN A 353 28.93 27.98 -30.84
C ASN A 353 29.49 29.22 -30.13
N GLN A 354 29.10 29.49 -28.89
CA GLN A 354 29.55 30.72 -28.20
C GLN A 354 30.87 30.43 -27.48
N ASN A 355 31.29 29.19 -27.55
CA ASN A 355 32.55 28.76 -26.94
C ASN A 355 33.68 28.84 -27.98
N THR A 356 34.48 29.87 -27.90
CA THR A 356 35.58 30.00 -28.80
C THR A 356 36.66 28.97 -28.42
N PRO A 357 37.47 28.60 -29.40
CA PRO A 357 38.66 27.78 -29.16
C PRO A 357 39.52 28.35 -28.02
N GLU A 358 39.72 29.67 -28.02
CA GLU A 358 40.53 30.31 -27.00
C GLU A 358 39.90 30.09 -25.61
N TYR A 359 38.58 30.23 -25.54
CA TYR A 359 37.87 30.06 -24.29
C TYR A 359 38.08 28.62 -23.76
N MET A 360 37.85 27.64 -24.62
CA MET A 360 38.01 26.23 -24.24
C MET A 360 39.44 25.96 -23.75
N GLU A 361 40.47 26.43 -24.45
CA GLU A 361 41.87 26.21 -24.04
CA GLU A 361 41.87 26.21 -24.04
C GLU A 361 42.18 26.98 -22.73
N LYS A 362 41.62 28.17 -22.56
CA LYS A 362 41.88 28.92 -21.34
C LYS A 362 41.25 28.22 -20.12
N ILE A 363 40.01 27.78 -20.24
CA ILE A 363 39.38 27.12 -19.09
C ILE A 363 40.18 25.84 -18.76
N LYS A 364 40.55 25.12 -19.81
CA LYS A 364 41.36 23.89 -19.64
C LYS A 364 42.64 24.20 -18.87
N GLN A 365 43.31 25.27 -19.23
CA GLN A 365 44.57 25.54 -18.62
C GLN A 365 44.35 25.94 -17.16
N ARG A 366 43.23 26.58 -16.83
CA ARG A 366 42.95 26.90 -15.43
C ARG A 366 42.73 25.61 -14.64
N LEU A 367 42.04 24.64 -15.23
CA LEU A 367 41.79 23.39 -14.51
C LEU A 367 43.10 22.63 -14.29
N PHE A 368 43.97 22.64 -15.30
CA PHE A 368 45.30 22.02 -15.18
C PHE A 368 46.08 22.63 -14.00
N GLU A 369 46.02 23.96 -13.83
CA GLU A 369 46.77 24.59 -12.71
C GLU A 369 46.31 23.99 -11.38
N ASN A 370 44.98 23.86 -11.23
CA ASN A 370 44.28 23.23 -10.08
C ASN A 370 44.72 21.77 -9.90
N LEU A 371 44.77 21.00 -10.97
CA LEU A 371 45.14 19.61 -10.84
C LEU A 371 46.62 19.46 -10.46
N ARG A 372 47.46 20.49 -10.66
CA ARG A 372 48.86 20.40 -10.19
C ARG A 372 48.92 20.38 -8.66
N MET A 373 47.80 20.71 -8.00
CA MET A 373 47.79 20.84 -6.54
C MET A 373 47.52 19.47 -5.90
N LEU A 374 47.29 18.42 -6.67
CA LEU A 374 47.05 17.10 -6.06
C LEU A 374 48.39 16.50 -5.59
N PRO A 375 48.36 15.61 -4.57
CA PRO A 375 49.55 15.10 -3.82
C PRO A 375 50.69 14.62 -4.72
N LYS B 10 -4.59 -14.89 -15.98
CA LYS B 10 -4.24 -14.63 -14.54
C LYS B 10 -2.72 -14.46 -14.39
N LYS B 11 -2.30 -13.32 -13.84
CA LYS B 11 -0.92 -12.92 -13.84
C LYS B 11 -0.17 -13.56 -12.65
N VAL B 12 1.08 -13.96 -12.92
CA VAL B 12 1.95 -14.55 -11.90
C VAL B 12 3.21 -13.70 -11.81
N CYS B 13 3.59 -13.34 -10.61
CA CYS B 13 4.88 -12.71 -10.36
CA CYS B 13 4.91 -12.73 -10.42
C CYS B 13 5.72 -13.64 -9.47
N TYR B 14 7.03 -13.65 -9.68
CA TYR B 14 7.91 -14.64 -9.09
C TYR B 14 9.20 -13.96 -8.62
N TYR B 15 9.63 -14.32 -7.42
CA TYR B 15 10.75 -13.70 -6.71
C TYR B 15 11.95 -14.64 -6.64
N TYR B 16 13.10 -14.12 -7.05
CA TYR B 16 14.33 -14.89 -7.03
C TYR B 16 15.53 -13.94 -7.04
N ASP B 17 16.42 -14.15 -6.08
CA ASP B 17 17.73 -13.54 -6.12
C ASP B 17 18.80 -14.54 -6.50
N GLY B 18 19.58 -14.18 -7.50
CA GLY B 18 20.64 -15.05 -8.02
C GLY B 18 21.70 -15.41 -6.99
N ASP B 19 21.78 -14.73 -5.85
CA ASP B 19 22.73 -15.17 -4.81
C ASP B 19 22.12 -16.14 -3.78
N ILE B 20 20.83 -16.40 -3.88
CA ILE B 20 20.18 -17.11 -2.81
C ILE B 20 20.84 -18.50 -2.67
N GLY B 21 21.28 -19.08 -3.79
CA GLY B 21 21.83 -20.44 -3.79
C GLY B 21 23.22 -20.50 -3.19
N ASN B 22 23.86 -19.36 -2.91
CA ASN B 22 25.24 -19.30 -2.45
C ASN B 22 25.33 -19.29 -0.92
N TYR B 23 24.23 -19.11 -0.19
CA TYR B 23 24.27 -19.16 1.27
C TYR B 23 24.34 -20.64 1.67
N TYR B 24 25.17 -20.94 2.64
CA TYR B 24 25.55 -22.33 2.95
C TYR B 24 25.42 -22.57 4.45
N TYR B 25 24.51 -23.48 4.85
CA TYR B 25 24.27 -23.76 6.29
C TYR B 25 25.44 -24.53 6.93
N GLY B 26 26.32 -25.13 6.14
CA GLY B 26 27.49 -25.81 6.73
C GLY B 26 27.55 -27.28 6.32
N GLN B 27 28.75 -27.82 6.42
CA GLN B 27 29.04 -29.20 6.03
C GLN B 27 28.05 -30.15 6.73
N GLY B 28 27.31 -30.91 5.94
CA GLY B 28 26.48 -31.96 6.48
C GLY B 28 25.10 -31.47 6.90
N HIS B 29 24.82 -30.16 6.77
CA HIS B 29 23.48 -29.64 7.11
C HIS B 29 22.54 -29.88 5.94
N PRO B 30 21.36 -30.50 6.19
CA PRO B 30 20.45 -30.88 5.11
C PRO B 30 19.77 -29.72 4.37
N MET B 31 19.72 -28.56 4.99
CA MET B 31 19.12 -27.42 4.38
C MET B 31 20.10 -26.85 3.34
N LYS B 32 19.66 -26.82 2.08
CA LYS B 32 20.53 -26.50 0.95
C LYS B 32 19.87 -25.43 0.09
N PRO B 33 20.20 -24.16 0.37
CA PRO B 33 19.61 -23.10 -0.45
C PRO B 33 19.84 -23.24 -1.95
N HIS B 34 20.84 -23.99 -2.36
CA HIS B 34 21.15 -24.25 -3.75
C HIS B 34 19.93 -24.85 -4.48
N ARG B 35 19.09 -25.54 -3.73
CA ARG B 35 17.88 -26.14 -4.26
C ARG B 35 16.99 -25.07 -4.91
N ILE B 36 17.05 -23.83 -4.42
CA ILE B 36 16.23 -22.76 -5.00
C ILE B 36 16.81 -22.40 -6.38
N ARG B 37 18.13 -22.38 -6.48
CA ARG B 37 18.79 -22.10 -7.76
C ARG B 37 18.50 -23.23 -8.76
N MET B 38 18.53 -24.48 -8.32
CA MET B 38 18.18 -25.61 -9.21
C MET B 38 16.74 -25.46 -9.72
N THR B 39 15.83 -25.08 -8.83
CA THR B 39 14.46 -24.85 -9.21
C THR B 39 14.41 -23.78 -10.31
N HIS B 40 15.08 -22.67 -10.05
CA HIS B 40 15.05 -21.52 -10.94
C HIS B 40 15.57 -21.94 -12.32
N ASN B 41 16.73 -22.59 -12.34
CA ASN B 41 17.41 -22.88 -13.61
C ASN B 41 16.55 -23.86 -14.41
N LEU B 42 15.92 -24.81 -13.68
CA LEU B 42 15.10 -25.81 -14.36
C LEU B 42 13.88 -25.13 -14.99
N LEU B 43 13.19 -24.24 -14.27
CA LEU B 43 12.01 -23.65 -14.86
C LEU B 43 12.39 -22.62 -15.94
N LEU B 44 13.55 -21.96 -15.85
CA LEU B 44 14.02 -21.15 -16.97
C LEU B 44 14.19 -22.01 -18.22
N ASN B 45 14.69 -23.23 -18.06
CA ASN B 45 15.04 -24.06 -19.19
C ASN B 45 13.77 -24.71 -19.78
N TYR B 46 12.68 -24.73 -19.04
CA TYR B 46 11.37 -25.10 -19.57
C TYR B 46 10.69 -23.91 -20.25
N GLY B 47 11.27 -22.75 -20.17
CA GLY B 47 10.72 -21.57 -20.81
C GLY B 47 9.64 -20.87 -20.00
N LEU B 48 9.49 -21.15 -18.72
CA LEU B 48 8.38 -20.58 -17.97
C LEU B 48 8.60 -19.09 -17.68
N TYR B 49 9.82 -18.62 -17.87
CA TYR B 49 10.07 -17.17 -17.70
C TYR B 49 9.31 -16.34 -18.73
N ARG B 50 8.92 -16.95 -19.86
CA ARG B 50 8.25 -16.22 -20.92
C ARG B 50 6.82 -15.87 -20.48
N LYS B 51 6.28 -16.46 -19.43
CA LYS B 51 4.87 -16.30 -19.10
C LYS B 51 4.69 -15.63 -17.75
N MET B 52 5.77 -15.26 -17.05
CA MET B 52 5.59 -14.58 -15.76
C MET B 52 6.56 -13.41 -15.62
N GLU B 53 6.23 -12.56 -14.66
CA GLU B 53 7.10 -11.49 -14.22
C GLU B 53 8.04 -12.07 -13.17
N ILE B 54 9.34 -11.89 -13.38
CA ILE B 54 10.35 -12.32 -12.45
C ILE B 54 11.01 -11.08 -11.85
N TYR B 55 11.08 -11.02 -10.52
CA TYR B 55 11.66 -9.93 -9.78
C TYR B 55 12.71 -10.42 -8.80
N ARG B 56 13.75 -9.62 -8.62
CA ARG B 56 14.62 -9.75 -7.48
C ARG B 56 13.91 -9.23 -6.22
N PRO B 57 13.95 -10.00 -5.13
CA PRO B 57 13.45 -9.49 -3.87
C PRO B 57 14.37 -8.34 -3.41
N HIS B 58 13.80 -7.39 -2.69
CA HIS B 58 14.62 -6.42 -1.96
C HIS B 58 15.17 -7.11 -0.71
N LYS B 59 16.16 -6.53 -0.06
CA LYS B 59 16.57 -7.06 1.25
C LYS B 59 15.66 -6.47 2.34
N ALA B 60 14.76 -7.28 2.86
CA ALA B 60 13.87 -6.81 3.93
C ALA B 60 14.69 -6.17 5.06
N THR B 61 14.17 -5.06 5.58
CA THR B 61 14.88 -4.26 6.56
C THR B 61 14.50 -4.74 7.96
N ALA B 62 15.25 -4.26 8.95
CA ALA B 62 14.94 -4.47 10.36
C ALA B 62 13.51 -4.01 10.66
N GLU B 63 13.14 -2.89 10.10
CA GLU B 63 11.83 -2.31 10.28
C GLU B 63 10.75 -3.27 9.78
N GLU B 64 10.98 -3.91 8.64
CA GLU B 64 10.02 -4.85 8.10
C GLU B 64 9.90 -6.08 9.01
N MET B 65 11.05 -6.59 9.46
CA MET B 65 11.09 -7.84 10.22
C MET B 65 10.48 -7.67 11.60
N THR B 66 10.61 -6.47 12.16
CA THR B 66 10.18 -6.22 13.51
C THR B 66 8.68 -5.88 13.55
N LYS B 67 7.96 -5.99 12.45
CA LYS B 67 6.52 -5.93 12.49
C LYS B 67 6.00 -7.19 13.19
N TYR B 68 6.84 -8.23 13.28
CA TYR B 68 6.54 -9.41 14.10
C TYR B 68 7.67 -9.72 15.10
N HIS B 69 8.92 -9.87 14.62
CA HIS B 69 10.00 -10.31 15.50
C HIS B 69 10.38 -9.18 16.46
N SER B 70 10.90 -9.57 17.62
CA SER B 70 11.39 -8.62 18.59
C SER B 70 12.66 -7.93 18.08
N ASP B 71 12.81 -6.66 18.47
CA ASP B 71 13.97 -5.82 18.14
C ASP B 71 15.28 -6.50 18.50
N GLU B 72 15.31 -7.06 19.69
CA GLU B 72 16.51 -7.63 20.21
C GLU B 72 16.92 -8.84 19.38
N TYR B 73 15.96 -9.70 19.08
CA TYR B 73 16.24 -10.89 18.26
C TYR B 73 16.77 -10.47 16.88
N ILE B 74 16.14 -9.48 16.25
CA ILE B 74 16.55 -9.06 14.91
C ILE B 74 17.92 -8.39 15.01
N LYS B 75 18.16 -7.61 16.04
CA LYS B 75 19.49 -6.95 16.18
C LYS B 75 20.58 -8.02 16.27
N PHE B 76 20.27 -9.08 17.03
CA PHE B 76 21.20 -10.20 17.21
C PHE B 76 21.47 -10.88 15.86
N LEU B 77 20.45 -11.12 15.04
CA LEU B 77 20.66 -11.75 13.74
C LEU B 77 21.51 -10.84 12.84
N ARG B 78 21.43 -9.53 13.05
CA ARG B 78 22.19 -8.56 12.28
C ARG B 78 23.66 -8.55 12.73
N SER B 79 23.93 -9.03 13.94
CA SER B 79 25.21 -8.90 14.58
C SER B 79 26.03 -10.18 14.46
N ILE B 80 25.38 -11.33 14.61
CA ILE B 80 26.07 -12.62 14.79
C ILE B 80 26.82 -13.03 13.51
N ARG B 81 28.08 -13.41 13.69
CA ARG B 81 28.94 -13.87 12.60
C ARG B 81 29.78 -15.06 13.09
N PRO B 82 30.24 -15.91 12.16
CA PRO B 82 31.14 -16.97 12.56
C PRO B 82 32.34 -16.42 13.35
N ASP B 83 32.94 -15.30 12.93
CA ASP B 83 34.09 -14.72 13.65
C ASP B 83 33.81 -14.07 15.02
N ASN B 84 32.56 -13.97 15.47
CA ASN B 84 32.30 -13.33 16.78
C ASN B 84 31.38 -14.19 17.68
N MET B 85 31.16 -15.46 17.32
CA MET B 85 30.28 -16.36 18.08
C MET B 85 30.74 -16.51 19.53
N SER B 86 32.05 -16.51 19.77
CA SER B 86 32.50 -16.77 21.12
C SER B 86 32.12 -15.59 22.04
N GLU B 87 31.96 -14.38 21.48
CA GLU B 87 31.46 -13.20 22.22
C GLU B 87 29.94 -13.26 22.44
N TYR B 88 29.21 -14.04 21.67
CA TYR B 88 27.75 -13.94 21.70
C TYR B 88 27.12 -15.24 22.23
N SER B 89 27.82 -15.98 23.07
CA SER B 89 27.38 -17.34 23.34
C SER B 89 26.06 -17.35 24.14
N LYS B 90 25.86 -16.50 25.15
CA LYS B 90 24.56 -16.47 25.85
C LYS B 90 23.43 -16.02 24.93
N GLN B 91 23.67 -15.02 24.07
CA GLN B 91 22.66 -14.57 23.11
C GLN B 91 22.34 -15.70 22.12
N MET B 92 23.34 -16.46 21.71
CA MET B 92 23.11 -17.59 20.80
C MET B 92 22.18 -18.61 21.48
N GLN B 93 22.38 -18.87 22.76
CA GLN B 93 21.52 -19.75 23.54
C GLN B 93 20.08 -19.18 23.56
N ARG B 94 19.97 -17.93 23.97
CA ARG B 94 18.70 -17.22 24.14
C ARG B 94 17.88 -17.29 22.84
N PHE B 95 18.50 -17.04 21.70
CA PHE B 95 17.74 -16.94 20.45
C PHE B 95 17.79 -18.26 19.65
N ASN B 96 18.40 -19.30 20.22
CA ASN B 96 18.39 -20.67 19.69
C ASN B 96 19.09 -20.72 18.32
N VAL B 97 20.20 -20.00 18.22
CA VAL B 97 21.04 -20.00 17.02
C VAL B 97 22.38 -20.66 17.39
N GLY B 98 22.85 -21.61 16.58
CA GLY B 98 24.20 -22.18 16.78
C GLY B 98 24.26 -23.70 16.63
N GLU B 99 23.10 -24.37 16.58
CA GLU B 99 23.06 -25.83 16.31
C GLU B 99 22.20 -26.09 15.07
N ASP B 100 20.93 -26.50 15.19
CA ASP B 100 20.08 -26.80 14.03
C ASP B 100 19.93 -25.60 13.10
N CYS B 101 19.96 -24.42 13.71
CA CYS B 101 19.92 -23.13 13.04
C CYS B 101 21.30 -22.49 13.21
N PRO B 102 22.26 -22.90 12.38
CA PRO B 102 23.63 -22.51 12.59
C PRO B 102 23.91 -21.04 12.27
N VAL B 103 25.07 -20.59 12.71
CA VAL B 103 25.62 -19.32 12.29
C VAL B 103 26.40 -19.56 11.01
N PHE B 104 26.10 -18.82 9.95
CA PHE B 104 26.94 -18.90 8.74
C PHE B 104 27.09 -17.52 8.10
N ASP B 105 28.07 -17.41 7.20
CA ASP B 105 28.38 -16.18 6.50
C ASP B 105 27.15 -15.78 5.70
N GLY B 106 26.73 -14.55 5.89
CA GLY B 106 25.64 -14.01 5.13
C GLY B 106 24.28 -14.43 5.66
N LEU B 107 24.23 -14.95 6.90
CA LEU B 107 22.99 -15.39 7.52
C LEU B 107 21.91 -14.30 7.41
N PHE B 108 22.26 -13.10 7.83
CA PHE B 108 21.22 -12.08 7.94
C PHE B 108 20.72 -11.72 6.53
N GLU B 109 21.65 -11.62 5.60
CA GLU B 109 21.36 -11.29 4.22
C GLU B 109 20.44 -12.36 3.60
N PHE B 110 20.76 -13.61 3.87
CA PHE B 110 19.90 -14.73 3.46
C PHE B 110 18.46 -14.53 3.98
N CYS B 111 18.32 -14.22 5.26
CA CYS B 111 17.01 -13.93 5.84
C CYS B 111 16.34 -12.73 5.13
N GLN B 112 17.10 -11.66 4.87
CA GLN B 112 16.58 -10.49 4.14
C GLN B 112 16.01 -10.85 2.75
N LEU B 113 16.73 -11.67 1.99
CA LEU B 113 16.28 -12.03 0.64
C LEU B 113 15.08 -12.97 0.68
N SER B 114 15.10 -13.89 1.62
CA SER B 114 14.04 -14.87 1.81
C SER B 114 12.75 -14.13 2.17
N THR B 115 12.85 -13.22 3.14
CA THR B 115 11.70 -12.46 3.65
C THR B 115 11.21 -11.46 2.59
N GLY B 116 12.16 -10.77 1.96
CA GLY B 116 11.85 -9.76 0.97
C GLY B 116 10.95 -10.28 -0.13
N GLY B 117 11.20 -11.50 -0.57
CA GLY B 117 10.37 -12.14 -1.59
C GLY B 117 8.93 -12.28 -1.11
N SER B 118 8.71 -12.64 0.14
CA SER B 118 7.36 -12.89 0.64
C SER B 118 6.59 -11.58 0.87
N VAL B 119 7.22 -10.61 1.49
CA VAL B 119 6.61 -9.28 1.72
C VAL B 119 6.29 -8.63 0.38
N ALA B 120 7.23 -8.66 -0.54
CA ALA B 120 7.05 -7.97 -1.81
C ALA B 120 5.88 -8.59 -2.59
N GLY B 121 5.75 -9.90 -2.52
CA GLY B 121 4.64 -10.60 -3.14
C GLY B 121 3.31 -10.19 -2.54
N ALA B 122 3.27 -10.13 -1.21
CA ALA B 122 2.08 -9.68 -0.49
C ALA B 122 1.71 -8.25 -0.90
N VAL B 123 2.73 -7.40 -1.08
CA VAL B 123 2.48 -6.02 -1.44
C VAL B 123 1.85 -6.00 -2.84
N LYS B 124 2.38 -6.82 -3.71
CA LYS B 124 1.96 -6.87 -5.10
C LYS B 124 0.50 -7.35 -5.19
N LEU B 125 0.15 -8.36 -4.40
CA LEU B 125 -1.24 -8.85 -4.34
C LEU B 125 -2.17 -7.76 -3.78
N ASN B 126 -1.74 -7.05 -2.74
CA ASN B 126 -2.52 -5.93 -2.13
C ASN B 126 -2.77 -4.83 -3.18
N ARG B 127 -1.76 -4.48 -3.95
CA ARG B 127 -1.90 -3.43 -4.99
C ARG B 127 -2.67 -3.98 -6.21
N GLN B 128 -3.05 -5.25 -6.21
CA GLN B 128 -3.84 -5.88 -7.27
C GLN B 128 -3.08 -5.78 -8.59
N GLN B 129 -1.76 -5.98 -8.53
CA GLN B 129 -0.89 -5.95 -9.71
C GLN B 129 -0.52 -7.38 -10.13
N THR B 130 -0.99 -8.37 -9.39
CA THR B 130 -0.81 -9.76 -9.73
C THR B 130 -1.95 -10.55 -9.06
N ASP B 131 -2.22 -11.74 -9.59
CA ASP B 131 -3.17 -12.68 -8.99
C ASP B 131 -2.50 -13.72 -8.12
N MET B 132 -1.26 -14.02 -8.48
CA MET B 132 -0.43 -14.94 -7.76
C MET B 132 0.99 -14.38 -7.67
N ALA B 133 1.60 -14.60 -6.52
CA ALA B 133 2.98 -14.24 -6.29
C ALA B 133 3.67 -15.48 -5.74
N VAL B 134 4.91 -15.72 -6.14
CA VAL B 134 5.64 -16.95 -5.81
C VAL B 134 7.01 -16.58 -5.23
N ASN B 135 7.33 -17.18 -4.07
CA ASN B 135 8.66 -17.03 -3.50
C ASN B 135 9.13 -18.37 -2.94
N TRP B 136 9.87 -19.11 -3.76
CA TRP B 136 10.31 -20.43 -3.34
C TRP B 136 11.34 -20.33 -2.22
N ALA B 137 12.01 -19.18 -2.07
CA ALA B 137 12.98 -19.00 -0.94
C ALA B 137 12.26 -18.78 0.39
N GLY B 138 10.95 -18.54 0.39
CA GLY B 138 10.21 -18.34 1.62
C GLY B 138 9.59 -19.62 2.16
N GLY B 139 8.60 -19.44 3.01
CA GLY B 139 7.88 -20.55 3.68
C GLY B 139 8.53 -21.04 4.96
N LEU B 140 9.30 -20.19 5.63
CA LEU B 140 10.13 -20.65 6.79
C LEU B 140 9.32 -20.63 8.08
N HIS B 141 8.42 -21.62 8.16
CA HIS B 141 7.23 -21.59 9.07
C HIS B 141 7.55 -21.85 10.55
N HIS B 142 8.76 -22.17 10.95
CA HIS B 142 9.06 -22.49 12.35
C HIS B 142 9.67 -21.29 13.07
N ALA B 143 10.09 -20.26 12.36
CA ALA B 143 10.68 -19.11 13.05
C ALA B 143 9.67 -18.52 14.05
N LYS B 144 10.14 -18.22 15.25
CA LYS B 144 9.31 -17.67 16.31
C LYS B 144 9.61 -16.17 16.48
N LYS B 145 8.81 -15.52 17.30
CA LYS B 145 8.86 -14.10 17.46
C LYS B 145 10.28 -13.68 17.90
N SER B 146 10.85 -14.36 18.88
CA SER B 146 12.19 -14.02 19.30
C SER B 146 13.11 -15.23 19.38
N GLU B 147 12.92 -16.25 18.51
CA GLU B 147 13.97 -17.29 18.41
C GLU B 147 13.89 -18.01 17.07
N ALA B 148 15.03 -18.54 16.65
CA ALA B 148 15.10 -19.40 15.49
C ALA B 148 14.61 -20.81 15.88
N SER B 149 14.13 -21.54 14.90
CA SER B 149 13.75 -22.94 15.12
C SER B 149 13.73 -23.69 13.79
N GLY B 150 14.17 -24.94 13.79
CA GLY B 150 13.92 -25.81 12.65
C GLY B 150 14.46 -25.27 11.34
N PHE B 151 15.65 -24.65 11.41
CA PHE B 151 16.40 -24.15 10.24
C PHE B 151 15.81 -22.81 9.76
N CYS B 152 14.87 -22.25 10.51
CA CYS B 152 14.18 -20.98 10.14
C CYS B 152 14.57 -19.88 11.13
N TYR B 153 14.89 -18.69 10.62
CA TYR B 153 15.30 -17.59 11.48
C TYR B 153 14.24 -16.50 11.50
N VAL B 154 13.74 -16.12 10.33
CA VAL B 154 12.78 -15.04 10.21
C VAL B 154 11.55 -15.60 9.52
N ASN B 155 10.38 -15.35 10.13
CA ASN B 155 9.16 -15.93 9.65
C ASN B 155 8.58 -15.04 8.57
N ASP B 156 9.07 -15.25 7.34
CA ASP B 156 8.60 -14.52 6.18
C ASP B 156 7.10 -14.65 5.96
N ILE B 157 6.56 -15.79 6.38
CA ILE B 157 5.16 -16.08 6.21
C ILE B 157 4.31 -15.14 7.08
N VAL B 158 4.67 -15.03 8.36
CA VAL B 158 3.91 -14.21 9.28
C VAL B 158 3.96 -12.76 8.77
N LEU B 159 5.12 -12.34 8.33
CA LEU B 159 5.32 -10.98 7.84
C LEU B 159 4.49 -10.73 6.58
N ALA B 160 4.47 -11.70 5.67
CA ALA B 160 3.66 -11.57 4.48
C ALA B 160 2.18 -11.48 4.87
N ILE B 161 1.78 -12.26 5.87
CA ILE B 161 0.37 -12.27 6.25
C ILE B 161 0.01 -10.93 6.90
N LEU B 162 0.86 -10.41 7.78
CA LEU B 162 0.64 -9.09 8.35
C LEU B 162 0.47 -8.04 7.24
N GLU B 163 1.21 -8.17 6.15
CA GLU B 163 1.05 -7.24 5.02
C GLU B 163 -0.33 -7.41 4.37
N LEU B 164 -0.75 -8.66 4.12
CA LEU B 164 -2.08 -8.89 3.53
C LEU B 164 -3.19 -8.35 4.45
N LEU B 165 -3.02 -8.48 5.77
CA LEU B 165 -4.05 -8.10 6.73
C LEU B 165 -4.28 -6.58 6.74
N LYS B 166 -3.42 -5.80 6.11
CA LYS B 166 -3.69 -4.39 5.94
C LYS B 166 -4.93 -4.20 5.06
N TYR B 167 -5.11 -5.09 4.08
CA TYR B 167 -6.13 -4.91 3.07
C TYR B 167 -7.22 -5.98 3.17
N HIS B 168 -6.96 -7.07 3.88
CA HIS B 168 -7.81 -8.24 3.86
C HIS B 168 -8.28 -8.54 5.28
N GLN B 169 -9.59 -8.56 5.46
CA GLN B 169 -10.22 -8.85 6.75
C GLN B 169 -9.86 -10.28 7.21
N ARG B 170 -9.89 -11.22 6.27
CA ARG B 170 -9.68 -12.63 6.57
C ARG B 170 -8.65 -13.20 5.60
N VAL B 171 -7.57 -13.72 6.17
CA VAL B 171 -6.54 -14.38 5.39
C VAL B 171 -6.46 -15.86 5.80
N LEU B 172 -6.37 -16.71 4.79
CA LEU B 172 -6.31 -18.16 4.98
C LEU B 172 -4.89 -18.63 4.72
N TYR B 173 -4.32 -19.36 5.68
CA TYR B 173 -3.00 -19.95 5.51
C TYR B 173 -3.13 -21.47 5.40
N ILE B 174 -2.47 -22.06 4.38
CA ILE B 174 -2.53 -23.51 4.12
C ILE B 174 -1.11 -24.03 4.00
N ASP B 175 -0.80 -25.09 4.75
CA ASP B 175 0.56 -25.59 4.93
C ASP B 175 0.61 -27.10 4.59
N ILE B 176 1.28 -27.44 3.48
CA ILE B 176 1.35 -28.87 3.00
C ILE B 176 2.79 -29.40 3.14
N ASP B 177 3.65 -28.64 3.79
CA ASP B 177 4.94 -29.13 4.30
C ASP B 177 4.60 -30.31 5.21
N ILE B 178 5.50 -31.26 5.33
CA ILE B 178 5.26 -32.42 6.17
C ILE B 178 5.30 -32.05 7.67
N HIS B 179 5.90 -30.91 8.00
CA HIS B 179 5.93 -30.43 9.39
C HIS B 179 4.75 -29.49 9.64
N HIS B 180 4.36 -29.41 10.92
CA HIS B 180 3.38 -28.47 11.36
C HIS B 180 3.93 -27.04 11.22
N GLY B 181 3.13 -26.13 10.66
CA GLY B 181 3.47 -24.70 10.62
C GLY B 181 3.28 -24.02 11.98
N ASP B 182 4.13 -24.37 12.92
CA ASP B 182 3.88 -23.95 14.30
C ASP B 182 4.10 -22.46 14.53
N GLY B 183 5.04 -21.85 13.80
CA GLY B 183 5.35 -20.42 13.98
C GLY B 183 4.22 -19.55 13.47
N VAL B 184 3.56 -19.99 12.40
CA VAL B 184 2.47 -19.24 11.80
C VAL B 184 1.23 -19.40 12.70
N GLU B 185 0.95 -20.63 13.11
CA GLU B 185 -0.21 -20.92 13.95
C GLU B 185 -0.10 -20.12 15.25
N GLU B 186 1.10 -20.07 15.78
CA GLU B 186 1.32 -19.43 17.07
C GLU B 186 1.12 -17.91 16.95
N ALA B 187 1.61 -17.31 15.88
CA ALA B 187 1.45 -15.87 15.70
C ALA B 187 -0.04 -15.49 15.67
N PHE B 188 -0.88 -16.35 15.10
CA PHE B 188 -2.25 -16.00 14.81
C PHE B 188 -3.24 -16.87 15.61
N TYR B 189 -2.76 -17.53 16.66
CA TYR B 189 -3.56 -18.50 17.37
C TYR B 189 -4.78 -17.85 18.01
N THR B 190 -4.70 -16.55 18.35
CA THR B 190 -5.78 -15.93 19.13
C THR B 190 -6.60 -14.95 18.28
N THR B 191 -6.47 -14.98 16.97
CA THR B 191 -7.27 -14.10 16.09
C THR B 191 -8.06 -14.93 15.09
N ASP B 192 -9.26 -14.44 14.78
CA ASP B 192 -10.06 -14.97 13.68
C ASP B 192 -9.74 -14.35 12.32
N ARG B 193 -8.77 -13.43 12.27
CA ARG B 193 -8.46 -12.74 11.02
C ARG B 193 -7.47 -13.55 10.18
N VAL B 194 -6.94 -14.60 10.78
CA VAL B 194 -6.12 -15.58 10.06
C VAL B 194 -6.52 -16.98 10.54
N MET B 195 -6.96 -17.78 9.58
CA MET B 195 -7.20 -19.22 9.76
C MET B 195 -5.97 -19.96 9.22
N THR B 196 -5.35 -20.74 10.08
CA THR B 196 -4.24 -21.57 9.72
C THR B 196 -4.74 -23.01 9.55
N VAL B 197 -4.42 -23.62 8.41
CA VAL B 197 -4.73 -25.03 8.11
C VAL B 197 -3.41 -25.76 7.83
N SER B 198 -3.01 -26.70 8.67
CA SER B 198 -1.80 -27.48 8.45
C SER B 198 -2.12 -28.97 8.33
N PHE B 199 -1.57 -29.60 7.30
CA PHE B 199 -1.50 -31.05 7.15
C PHE B 199 -0.05 -31.46 7.42
N HIS B 200 0.15 -32.46 8.25
CA HIS B 200 1.52 -32.76 8.72
C HIS B 200 1.56 -34.15 9.37
N LYS B 201 2.77 -34.70 9.33
CA LYS B 201 3.11 -35.82 10.14
C LYS B 201 2.94 -35.40 11.61
N TYR B 202 2.29 -36.21 12.40
CA TYR B 202 2.18 -35.91 13.83
C TYR B 202 2.41 -37.19 14.62
N GLY B 203 2.99 -37.01 15.81
CA GLY B 203 3.34 -38.10 16.72
C GLY B 203 4.85 -38.26 16.79
N GLU B 204 5.43 -37.88 17.93
CA GLU B 204 6.87 -38.05 18.16
C GLU B 204 7.66 -37.61 16.92
N TYR B 205 7.51 -36.33 16.56
CA TYR B 205 8.02 -35.79 15.28
C TYR B 205 8.07 -34.26 15.33
N PHE B 206 9.07 -33.67 14.68
CA PHE B 206 9.31 -32.21 14.80
C PHE B 206 8.13 -31.44 14.19
N PRO B 207 7.72 -30.30 14.79
CA PRO B 207 8.27 -29.78 16.05
C PRO B 207 7.53 -30.26 17.31
N GLY B 208 6.53 -31.17 17.17
CA GLY B 208 5.78 -31.75 18.32
C GLY B 208 4.41 -31.09 18.55
N THR B 209 3.97 -30.25 17.62
CA THR B 209 2.69 -29.52 17.72
C THR B 209 1.82 -29.81 16.49
N GLY B 210 0.63 -29.27 16.41
CA GLY B 210 -0.27 -29.63 15.33
C GLY B 210 -1.19 -30.79 15.71
N ASP B 211 -1.52 -30.93 16.98
CA ASP B 211 -2.58 -31.85 17.42
C ASP B 211 -3.93 -31.40 16.80
N LEU B 212 -4.74 -32.40 16.44
CA LEU B 212 -6.16 -32.27 16.06
C LEU B 212 -6.90 -31.32 17.02
N ARG B 213 -6.58 -31.37 18.29
CA ARG B 213 -7.32 -30.67 19.31
C ARG B 213 -6.80 -29.23 19.50
N ASP B 214 -5.74 -28.83 18.83
CA ASP B 214 -5.30 -27.43 18.84
C ASP B 214 -6.12 -26.73 17.81
N ILE B 215 -7.14 -26.01 18.29
CA ILE B 215 -8.14 -25.41 17.42
C ILE B 215 -8.10 -23.87 17.56
N GLY B 216 -7.12 -23.33 18.27
CA GLY B 216 -7.06 -21.88 18.53
C GLY B 216 -7.69 -21.54 19.88
N ALA B 217 -7.58 -20.26 20.27
CA ALA B 217 -7.96 -19.76 21.60
C ALA B 217 -8.53 -18.35 21.45
N GLY B 218 -9.40 -17.94 22.38
CA GLY B 218 -9.99 -16.60 22.37
C GLY B 218 -10.82 -16.40 21.12
N LYS B 219 -10.71 -15.24 20.49
CA LYS B 219 -11.42 -14.98 19.26
C LYS B 219 -10.97 -15.99 18.19
N GLY B 220 -9.77 -16.52 18.33
CA GLY B 220 -9.20 -17.45 17.34
C GLY B 220 -9.65 -18.89 17.51
N LYS B 221 -10.48 -19.18 18.52
CA LYS B 221 -10.99 -20.54 18.70
C LYS B 221 -11.79 -20.95 17.46
N TYR B 222 -11.43 -22.12 16.94
CA TYR B 222 -11.94 -22.76 15.73
C TYR B 222 -11.24 -22.23 14.47
N TYR B 223 -10.27 -21.33 14.60
CA TYR B 223 -9.62 -20.76 13.40
C TYR B 223 -8.20 -21.33 13.25
N ALA B 224 -7.88 -22.38 14.00
CA ALA B 224 -6.71 -23.22 13.69
C ALA B 224 -7.20 -24.62 13.36
N VAL B 225 -6.73 -25.15 12.23
CA VAL B 225 -7.15 -26.46 11.71
C VAL B 225 -5.89 -27.28 11.48
N ASN B 226 -5.84 -28.46 12.08
CA ASN B 226 -4.67 -29.35 12.09
C ASN B 226 -5.12 -30.76 11.73
N PHE B 227 -4.50 -31.30 10.68
CA PHE B 227 -4.78 -32.66 10.21
C PHE B 227 -3.51 -33.51 10.38
N PRO B 228 -3.41 -34.19 11.53
CA PRO B 228 -2.31 -35.09 11.76
C PRO B 228 -2.37 -36.35 10.89
N MET B 229 -1.25 -36.64 10.21
CA MET B 229 -1.12 -37.83 9.36
C MET B 229 -0.01 -38.74 9.85
N ARG B 230 -0.13 -40.01 9.50
CA ARG B 230 0.86 -41.01 9.79
C ARG B 230 1.78 -41.18 8.56
N ASP B 231 2.87 -41.90 8.75
CA ASP B 231 3.79 -42.25 7.67
C ASP B 231 3.10 -42.87 6.43
N GLY B 232 3.64 -42.52 5.27
CA GLY B 232 3.36 -43.25 4.03
C GLY B 232 2.11 -42.79 3.31
N ILE B 233 1.52 -41.67 3.70
CA ILE B 233 0.37 -41.16 2.97
C ILE B 233 0.76 -40.96 1.50
N ASP B 234 -0.17 -41.38 0.63
CA ASP B 234 -0.04 -41.36 -0.82
C ASP B 234 -0.95 -40.33 -1.49
N ASP B 235 -0.80 -40.17 -2.81
CA ASP B 235 -1.55 -39.15 -3.52
C ASP B 235 -3.04 -39.32 -3.33
N GLU B 236 -3.51 -40.55 -3.40
CA GLU B 236 -4.94 -40.78 -3.37
C GLU B 236 -5.48 -40.42 -1.98
N SER B 237 -4.83 -40.82 -0.90
CA SER B 237 -5.32 -40.53 0.47
C SER B 237 -5.29 -39.02 0.74
N TYR B 238 -4.20 -38.37 0.36
CA TYR B 238 -4.04 -36.94 0.58
C TYR B 238 -5.09 -36.14 -0.19
N GLY B 239 -5.22 -36.42 -1.49
CA GLY B 239 -6.18 -35.69 -2.35
C GLY B 239 -7.62 -35.80 -1.88
N GLN B 240 -7.98 -37.00 -1.43
CA GLN B 240 -9.28 -37.38 -0.84
C GLN B 240 -9.63 -36.53 0.38
N ILE B 241 -8.68 -36.06 1.17
CA ILE B 241 -9.08 -35.22 2.30
C ILE B 241 -8.76 -33.74 2.03
N PHE B 242 -7.76 -33.42 1.19
CA PHE B 242 -7.36 -32.00 1.04
C PHE B 242 -8.49 -31.17 0.44
N LYS B 243 -9.14 -31.67 -0.63
CA LYS B 243 -10.11 -30.86 -1.35
C LYS B 243 -11.41 -30.68 -0.54
N PRO B 244 -11.95 -31.73 0.10
CA PRO B 244 -13.06 -31.49 0.98
C PRO B 244 -12.74 -30.53 2.15
N ILE B 245 -11.61 -30.67 2.78
CA ILE B 245 -11.26 -29.79 3.91
CA ILE B 245 -11.29 -29.79 3.91
C ILE B 245 -11.18 -28.33 3.43
N ILE B 246 -10.46 -28.07 2.34
CA ILE B 246 -10.24 -26.69 1.87
C ILE B 246 -11.58 -26.11 1.36
N SER B 247 -12.35 -26.87 0.58
CA SER B 247 -13.74 -26.46 0.17
C SER B 247 -14.55 -26.02 1.37
N LYS B 248 -14.55 -26.85 2.41
CA LYS B 248 -15.35 -26.55 3.59
C LYS B 248 -14.80 -25.29 4.29
N VAL B 249 -13.49 -25.18 4.40
CA VAL B 249 -12.86 -24.01 5.01
C VAL B 249 -13.24 -22.76 4.19
N MET B 250 -13.10 -22.85 2.89
CA MET B 250 -13.45 -21.74 2.02
C MET B 250 -14.89 -21.31 2.25
N GLU B 251 -15.79 -22.30 2.30
CA GLU B 251 -17.22 -22.05 2.43
C GLU B 251 -17.51 -21.36 3.76
N MET B 252 -16.90 -21.82 4.84
CA MET B 252 -17.25 -21.30 6.16
C MET B 252 -16.48 -20.00 6.44
N TYR B 253 -15.22 -19.92 6.04
CA TYR B 253 -14.34 -18.82 6.44
C TYR B 253 -14.37 -17.67 5.42
N GLN B 254 -14.58 -18.01 4.15
CA GLN B 254 -14.70 -17.03 3.05
C GLN B 254 -13.56 -16.03 3.12
N PRO B 255 -12.31 -16.49 2.94
CA PRO B 255 -11.22 -15.56 3.03
C PRO B 255 -11.13 -14.73 1.74
N SER B 256 -10.45 -13.59 1.77
CA SER B 256 -10.25 -12.80 0.56
C SER B 256 -8.79 -12.89 0.04
N ALA B 257 -7.89 -13.55 0.78
CA ALA B 257 -6.56 -13.87 0.27
C ALA B 257 -6.06 -15.18 0.89
N VAL B 258 -5.12 -15.82 0.20
CA VAL B 258 -4.63 -17.12 0.61
C VAL B 258 -3.11 -17.15 0.53
N VAL B 259 -2.49 -17.73 1.56
CA VAL B 259 -1.06 -18.01 1.54
C VAL B 259 -0.88 -19.54 1.60
N LEU B 260 -0.17 -20.11 0.63
CA LEU B 260 0.04 -21.58 0.53
C LEU B 260 1.54 -21.87 0.64
N GLN B 261 1.90 -22.55 1.74
CA GLN B 261 3.23 -22.99 1.97
C GLN B 261 3.34 -24.36 1.32
N CYS B 262 4.31 -24.52 0.42
CA CYS B 262 4.39 -25.70 -0.45
C CYS B 262 5.65 -26.51 -0.14
N GLY B 263 5.99 -26.67 1.13
CA GLY B 263 7.18 -27.39 1.51
C GLY B 263 7.19 -28.77 0.86
N ALA B 264 8.32 -29.12 0.25
CA ALA B 264 8.38 -30.32 -0.61
C ALA B 264 8.91 -31.50 0.17
N ASP B 265 9.08 -31.35 1.48
CA ASP B 265 9.50 -32.47 2.30
C ASP B 265 8.36 -33.51 2.54
N SER B 266 7.15 -33.24 2.03
CA SER B 266 6.04 -34.20 2.02
C SER B 266 6.10 -35.14 0.80
N LEU B 267 7.11 -34.99 -0.06
CA LEU B 267 7.31 -35.90 -1.21
C LEU B 267 7.97 -37.21 -0.77
N SER B 268 7.55 -38.25 -1.47
CA SER B 268 8.22 -39.54 -1.46
C SER B 268 9.74 -39.37 -1.62
N GLY B 269 10.48 -40.02 -0.73
CA GLY B 269 11.92 -40.15 -0.84
C GLY B 269 12.63 -38.93 -0.29
N ASP B 270 11.91 -38.03 0.38
CA ASP B 270 12.57 -36.92 1.01
C ASP B 270 13.51 -37.42 2.12
N ARG B 271 14.70 -36.85 2.22
CA ARG B 271 15.72 -37.31 3.15
C ARG B 271 15.24 -37.18 4.60
N LEU B 272 14.41 -36.20 4.91
CA LEU B 272 13.95 -36.06 6.30
C LEU B 272 12.46 -36.41 6.42
N GLY B 273 11.74 -36.63 5.33
CA GLY B 273 10.31 -36.87 5.38
C GLY B 273 9.97 -38.36 5.38
N CYS B 274 8.70 -38.68 5.60
CA CYS B 274 8.29 -40.05 5.66
C CYS B 274 6.90 -40.19 5.01
N PHE B 275 6.56 -39.28 4.09
CA PHE B 275 5.35 -39.36 3.27
C PHE B 275 5.69 -39.96 1.90
N ASN B 276 4.66 -40.26 1.11
CA ASN B 276 4.81 -40.97 -0.15
C ASN B 276 4.03 -40.26 -1.27
N LEU B 277 4.06 -38.93 -1.27
CA LEU B 277 3.38 -38.15 -2.31
C LEU B 277 4.26 -38.05 -3.55
N THR B 278 3.64 -38.00 -4.73
CA THR B 278 4.37 -37.67 -5.93
C THR B 278 4.29 -36.15 -6.12
N VAL B 279 5.01 -35.65 -7.11
CA VAL B 279 4.91 -34.24 -7.45
C VAL B 279 3.49 -33.90 -7.91
N LYS B 280 2.81 -34.80 -8.61
CA LYS B 280 1.43 -34.54 -9.05
C LYS B 280 0.46 -34.42 -7.86
N GLY B 281 0.68 -35.23 -6.82
CA GLY B 281 -0.18 -35.22 -5.65
C GLY B 281 0.02 -33.97 -4.82
N HIS B 282 1.27 -33.54 -4.70
CA HIS B 282 1.60 -32.31 -4.05
C HIS B 282 0.97 -31.13 -4.81
N ALA B 283 1.23 -31.06 -6.13
CA ALA B 283 0.80 -29.92 -6.99
C ALA B 283 -0.74 -29.84 -7.13
N LYS B 284 -1.44 -30.95 -6.94
CA LYS B 284 -2.90 -30.96 -6.98
C LYS B 284 -3.47 -30.01 -5.91
N CYS B 285 -2.77 -29.86 -4.77
CA CYS B 285 -3.14 -28.92 -3.72
C CYS B 285 -3.12 -27.48 -4.26
N VAL B 286 -2.11 -27.17 -5.05
CA VAL B 286 -2.04 -25.86 -5.72
C VAL B 286 -3.24 -25.73 -6.65
N GLU B 287 -3.48 -26.74 -7.51
CA GLU B 287 -4.64 -26.66 -8.44
C GLU B 287 -5.96 -26.42 -7.65
N VAL B 288 -6.14 -27.14 -6.54
CA VAL B 288 -7.39 -26.99 -5.78
C VAL B 288 -7.52 -25.56 -5.25
N VAL B 289 -6.42 -25.04 -4.71
CA VAL B 289 -6.46 -23.73 -4.08
C VAL B 289 -6.80 -22.67 -5.15
N LYS B 290 -6.23 -22.80 -6.34
CA LYS B 290 -6.47 -21.88 -7.44
C LYS B 290 -7.94 -21.83 -7.86
N THR B 291 -8.71 -22.93 -7.74
CA THR B 291 -10.09 -22.95 -8.23
C THR B 291 -10.94 -21.89 -7.50
N PHE B 292 -10.50 -21.42 -6.35
CA PHE B 292 -11.26 -20.44 -5.57
C PHE B 292 -11.02 -19.01 -6.06
N ASN B 293 -10.05 -18.82 -6.97
CA ASN B 293 -9.81 -17.54 -7.65
C ASN B 293 -9.54 -16.43 -6.63
N LEU B 294 -8.74 -16.70 -5.62
CA LEU B 294 -8.44 -15.68 -4.65
C LEU B 294 -6.96 -15.32 -4.81
N PRO B 295 -6.62 -14.06 -4.58
CA PRO B 295 -5.24 -13.62 -4.56
C PRO B 295 -4.45 -14.64 -3.71
N LEU B 296 -3.35 -15.13 -4.26
CA LEU B 296 -2.67 -16.28 -3.71
C LEU B 296 -1.15 -16.04 -3.70
N LEU B 297 -0.55 -16.17 -2.51
CA LEU B 297 0.91 -16.19 -2.33
C LEU B 297 1.38 -17.63 -2.08
N MET B 298 2.22 -18.14 -2.96
CA MET B 298 2.78 -19.48 -2.89
C MET B 298 4.23 -19.39 -2.43
N LEU B 299 4.56 -20.11 -1.37
CA LEU B 299 5.85 -20.05 -0.74
C LEU B 299 6.51 -21.42 -0.71
N GLY B 300 7.83 -21.41 -0.52
CA GLY B 300 8.60 -22.63 -0.37
C GLY B 300 8.43 -23.25 1.02
N GLY B 301 9.48 -23.92 1.47
CA GLY B 301 9.46 -24.60 2.77
C GLY B 301 10.55 -25.66 2.84
N GLY B 302 10.34 -26.68 3.64
CA GLY B 302 11.28 -27.79 3.68
C GLY B 302 11.39 -28.51 2.34
N GLY B 303 12.34 -29.45 2.30
CA GLY B 303 12.64 -30.26 1.12
C GLY B 303 14.13 -30.53 1.04
N TYR B 304 14.50 -31.81 1.14
CA TYR B 304 15.86 -32.21 1.47
C TYR B 304 16.40 -33.21 0.44
N THR B 305 15.54 -33.80 -0.41
CA THR B 305 16.05 -34.50 -1.64
C THR B 305 15.97 -33.48 -2.77
N ILE B 306 17.09 -32.85 -3.04
CA ILE B 306 16.98 -31.54 -3.72
C ILE B 306 16.57 -31.71 -5.20
N ARG B 307 16.89 -32.80 -5.89
CA ARG B 307 16.35 -33.01 -7.25
C ARG B 307 14.80 -32.97 -7.22
N ASN B 308 14.19 -33.54 -6.17
CA ASN B 308 12.73 -33.62 -6.07
C ASN B 308 12.13 -32.27 -5.68
N VAL B 309 12.84 -31.50 -4.88
CA VAL B 309 12.42 -30.14 -4.60
C VAL B 309 12.37 -29.32 -5.90
N ALA B 310 13.42 -29.35 -6.70
CA ALA B 310 13.41 -28.61 -7.98
C ALA B 310 12.28 -29.07 -8.90
N ARG B 311 12.02 -30.36 -8.98
CA ARG B 311 10.90 -30.89 -9.80
C ARG B 311 9.56 -30.32 -9.29
N CYS B 312 9.37 -30.41 -7.98
CA CYS B 312 8.11 -30.06 -7.35
C CYS B 312 7.77 -28.59 -7.62
N TRP B 313 8.74 -27.71 -7.37
CA TRP B 313 8.47 -26.23 -7.43
C TRP B 313 8.41 -25.75 -8.89
N THR B 314 9.15 -26.40 -9.79
CA THR B 314 9.04 -26.15 -11.21
C THR B 314 7.62 -26.49 -11.67
N TYR B 315 7.14 -27.68 -11.29
CA TYR B 315 5.84 -28.13 -11.78
C TYR B 315 4.76 -27.21 -11.19
N GLU B 316 4.94 -26.82 -9.94
CA GLU B 316 3.93 -25.98 -9.29
C GLU B 316 3.99 -24.56 -9.84
N THR B 317 5.12 -24.12 -10.40
CA THR B 317 5.13 -22.83 -11.11
C THR B 317 4.29 -22.95 -12.39
N ALA B 318 4.43 -24.07 -13.09
CA ALA B 318 3.66 -24.32 -14.30
C ALA B 318 2.17 -24.38 -13.96
N VAL B 319 1.82 -24.99 -12.84
CA VAL B 319 0.43 -25.01 -12.37
C VAL B 319 -0.05 -23.56 -12.15
N ALA B 320 0.71 -22.75 -11.42
CA ALA B 320 0.32 -21.34 -11.22
C ALA B 320 0.06 -20.66 -12.58
N LEU B 321 0.89 -20.96 -13.58
CA LEU B 321 0.79 -20.34 -14.91
C LEU B 321 -0.28 -21.03 -15.75
N ASP B 322 -0.99 -21.98 -15.16
CA ASP B 322 -2.01 -22.74 -15.81
C ASP B 322 -1.52 -23.37 -17.11
N CYS B 323 -0.33 -23.95 -17.07
CA CYS B 323 0.08 -24.73 -18.22
C CYS B 323 0.76 -26.04 -17.79
N GLU B 324 0.88 -26.93 -18.77
CA GLU B 324 1.51 -28.24 -18.61
C GLU B 324 2.94 -28.10 -19.15
N ILE B 325 3.81 -28.98 -18.67
CA ILE B 325 5.16 -29.03 -19.19
C ILE B 325 5.50 -30.51 -19.36
N PRO B 326 6.35 -30.82 -20.33
CA PRO B 326 6.70 -32.19 -20.63
C PRO B 326 7.47 -32.87 -19.47
N ASN B 327 7.21 -34.15 -19.34
CA ASN B 327 7.89 -35.00 -18.39
C ASN B 327 9.39 -35.05 -18.73
N GLU B 328 9.71 -34.99 -20.00
CA GLU B 328 11.11 -35.05 -20.44
C GLU B 328 11.83 -33.80 -19.96
N LEU B 329 12.77 -33.92 -19.03
CA LEU B 329 13.40 -32.69 -18.48
C LEU B 329 14.20 -32.01 -19.59
N PRO B 330 14.12 -30.66 -19.70
CA PRO B 330 15.06 -30.00 -20.59
C PRO B 330 16.51 -30.01 -20.06
N TYR B 331 17.45 -29.90 -20.97
CA TYR B 331 18.80 -29.74 -20.54
C TYR B 331 18.86 -28.52 -19.63
N ASN B 332 19.70 -28.61 -18.61
CA ASN B 332 19.83 -27.54 -17.65
C ASN B 332 21.17 -27.67 -16.93
N ASP B 333 21.51 -26.66 -16.13
CA ASP B 333 22.83 -26.58 -15.46
C ASP B 333 23.06 -27.72 -14.45
N TYR B 334 21.99 -28.40 -13.98
CA TYR B 334 22.09 -29.44 -12.97
C TYR B 334 21.54 -30.77 -13.51
N PHE B 335 21.57 -30.95 -14.82
CA PHE B 335 20.94 -32.12 -15.46
C PHE B 335 21.33 -33.45 -14.80
N GLU B 336 22.61 -33.60 -14.43
CA GLU B 336 23.12 -34.88 -13.87
C GLU B 336 22.41 -35.22 -12.54
N TYR B 337 21.86 -34.20 -11.87
CA TYR B 337 21.24 -34.42 -10.59
C TYR B 337 19.90 -35.18 -10.76
N PHE B 338 19.36 -35.24 -11.97
CA PHE B 338 18.00 -35.79 -12.19
C PHE B 338 18.05 -37.20 -12.80
N GLY B 339 19.23 -37.79 -12.81
CA GLY B 339 19.30 -39.18 -13.20
C GLY B 339 18.59 -40.07 -12.19
N PRO B 340 18.40 -41.34 -12.48
CA PRO B 340 18.76 -42.00 -13.76
C PRO B 340 17.74 -41.78 -14.91
N ASP B 341 16.58 -41.22 -14.57
CA ASP B 341 15.43 -41.12 -15.50
C ASP B 341 15.35 -39.81 -16.27
N PHE B 342 15.83 -38.72 -15.67
CA PHE B 342 15.75 -37.35 -16.24
C PHE B 342 14.30 -37.02 -16.62
N LYS B 343 13.37 -37.39 -15.71
CA LYS B 343 11.96 -37.04 -15.82
C LYS B 343 11.61 -36.02 -14.74
N LEU B 344 10.59 -35.22 -15.01
CA LEU B 344 10.05 -34.25 -14.06
C LEU B 344 9.31 -34.97 -12.92
N HIS B 345 8.54 -35.98 -13.28
CA HIS B 345 7.62 -36.58 -12.34
C HIS B 345 8.29 -37.75 -11.62
N ILE B 346 7.83 -38.07 -10.41
CA ILE B 346 8.40 -39.13 -9.60
C ILE B 346 7.33 -40.16 -9.30
N SER B 347 7.83 -41.36 -9.04
CA SER B 347 7.04 -42.51 -8.66
C SER B 347 7.00 -42.61 -7.14
N PRO B 348 5.89 -43.11 -6.60
CA PRO B 348 5.83 -43.34 -5.19
C PRO B 348 6.69 -44.56 -4.82
N SER B 349 7.11 -44.67 -3.55
CA SER B 349 7.79 -45.90 -3.10
C SER B 349 6.78 -46.98 -2.72
N ASN B 350 7.32 -48.10 -2.27
CA ASN B 350 6.53 -49.19 -1.79
C ASN B 350 6.25 -49.05 -0.29
N MET B 351 6.58 -47.92 0.35
CA MET B 351 6.38 -47.82 1.81
C MET B 351 4.89 -48.00 2.15
N THR B 352 4.66 -48.61 3.31
CA THR B 352 3.31 -48.80 3.81
C THR B 352 2.66 -47.43 4.06
N ASN B 353 1.42 -47.27 3.60
CA ASN B 353 0.58 -46.16 3.98
C ASN B 353 -0.08 -46.47 5.34
N GLN B 354 0.38 -45.84 6.40
CA GLN B 354 -0.12 -46.18 7.71
C GLN B 354 -1.44 -45.47 8.01
N ASN B 355 -1.93 -44.62 7.10
CA ASN B 355 -3.20 -43.94 7.27
C ASN B 355 -4.33 -44.73 6.62
N THR B 356 -5.19 -45.32 7.41
CA THR B 356 -6.23 -46.14 6.86
C THR B 356 -7.29 -45.21 6.26
N PRO B 357 -8.08 -45.72 5.32
CA PRO B 357 -9.27 -45.01 4.87
C PRO B 357 -10.13 -44.50 6.04
N GLU B 358 -10.35 -45.35 7.03
CA GLU B 358 -11.22 -45.04 8.16
C GLU B 358 -10.61 -43.92 9.00
N TYR B 359 -9.29 -44.00 9.22
CA TYR B 359 -8.58 -42.98 9.97
C TYR B 359 -8.76 -41.63 9.27
N MET B 360 -8.54 -41.58 7.95
CA MET B 360 -8.58 -40.31 7.19
C MET B 360 -9.98 -39.72 7.32
N GLU B 361 -11.01 -40.55 7.11
CA GLU B 361 -12.39 -40.06 7.11
CA GLU B 361 -12.39 -40.08 7.11
C GLU B 361 -12.77 -39.62 8.53
N LYS B 362 -12.33 -40.34 9.55
CA LYS B 362 -12.68 -40.00 10.93
C LYS B 362 -12.06 -38.66 11.34
N ILE B 363 -10.80 -38.42 10.99
CA ILE B 363 -10.14 -37.13 11.28
C ILE B 363 -10.86 -36.01 10.53
N LYS B 364 -11.17 -36.23 9.26
CA LYS B 364 -11.85 -35.27 8.44
C LYS B 364 -13.22 -34.90 9.04
N GLN B 365 -13.96 -35.87 9.57
CA GLN B 365 -15.26 -35.57 10.13
C GLN B 365 -15.10 -34.80 11.45
N ARG B 366 -14.02 -35.06 12.22
CA ARG B 366 -13.79 -34.27 13.45
C ARG B 366 -13.50 -32.82 13.06
N LEU B 367 -12.74 -32.63 11.99
CA LEU B 367 -12.45 -31.29 11.49
C LEU B 367 -13.73 -30.65 10.92
N PHE B 368 -14.59 -31.39 10.24
CA PHE B 368 -15.80 -30.78 9.75
C PHE B 368 -16.62 -30.29 10.94
N GLU B 369 -16.68 -31.05 12.04
CA GLU B 369 -17.47 -30.63 13.22
C GLU B 369 -16.92 -29.31 13.77
N ASN B 370 -15.60 -29.15 13.78
CA ASN B 370 -14.99 -27.89 14.21
C ASN B 370 -15.38 -26.78 13.23
N LEU B 371 -15.34 -27.06 11.93
CA LEU B 371 -15.55 -25.98 10.95
C LEU B 371 -17.01 -25.51 10.98
N ARG B 372 -17.91 -26.41 11.33
CA ARG B 372 -19.35 -26.05 11.40
C ARG B 372 -19.58 -25.12 12.60
N MET B 373 -18.60 -24.96 13.51
CA MET B 373 -18.74 -24.04 14.63
C MET B 373 -18.48 -22.58 14.21
N LEU B 374 -17.95 -22.33 13.01
CA LEU B 374 -17.77 -20.94 12.54
C LEU B 374 -19.14 -20.31 12.28
N PRO B 375 -19.21 -18.96 12.27
CA PRO B 375 -20.47 -18.29 12.01
C PRO B 375 -20.92 -18.46 10.55
N LYS C 9 -39.36 -1.36 33.21
CA LYS C 9 -39.06 -1.20 31.76
C LYS C 9 -38.89 0.29 31.45
N LYS C 10 -38.25 0.58 30.32
CA LYS C 10 -37.95 1.96 29.90
C LYS C 10 -39.22 2.58 29.29
N LYS C 11 -39.58 3.80 29.70
CA LYS C 11 -40.69 4.56 29.08
C LYS C 11 -40.22 5.29 27.81
N VAL C 12 -41.09 5.30 26.80
CA VAL C 12 -40.78 5.93 25.52
C VAL C 12 -41.91 6.92 25.20
N CYS C 13 -41.54 8.14 24.85
CA CYS C 13 -42.47 9.14 24.29
C CYS C 13 -42.07 9.45 22.84
N TYR C 14 -43.06 9.54 21.97
CA TYR C 14 -42.85 9.62 20.52
C TYR C 14 -43.60 10.86 19.98
N TYR C 15 -42.89 11.68 19.22
CA TYR C 15 -43.39 12.97 18.75
C TYR C 15 -43.70 12.84 17.25
N TYR C 16 -44.94 13.17 16.89
CA TYR C 16 -45.36 13.13 15.48
C TYR C 16 -46.48 14.13 15.26
N ASP C 17 -46.46 14.77 14.08
CA ASP C 17 -47.57 15.64 13.66
C ASP C 17 -48.03 15.24 12.27
N GLY C 18 -49.30 14.85 12.15
CA GLY C 18 -49.91 14.37 10.91
C GLY C 18 -49.69 15.28 9.71
N ASP C 19 -49.46 16.57 9.93
CA ASP C 19 -49.18 17.51 8.83
C ASP C 19 -47.76 17.36 8.22
N ILE C 20 -46.82 16.82 8.99
CA ILE C 20 -45.38 16.85 8.60
C ILE C 20 -45.20 16.28 7.19
N GLY C 21 -45.98 15.26 6.85
CA GLY C 21 -45.83 14.56 5.57
C GLY C 21 -46.41 15.33 4.39
N ASN C 22 -47.07 16.47 4.64
CA ASN C 22 -47.70 17.23 3.58
C ASN C 22 -46.71 18.25 2.98
N TYR C 23 -45.53 18.46 3.58
CA TYR C 23 -44.56 19.45 3.08
C TYR C 23 -43.78 18.86 1.90
N TYR C 24 -43.56 19.71 0.90
CA TYR C 24 -43.03 19.30 -0.39
C TYR C 24 -41.84 20.16 -0.78
N TYR C 25 -40.65 19.55 -0.95
CA TYR C 25 -39.43 20.28 -1.32
C TYR C 25 -39.44 20.70 -2.80
N GLY C 26 -40.25 20.07 -3.64
CA GLY C 26 -40.27 20.42 -5.07
C GLY C 26 -39.90 19.23 -5.95
N GLN C 27 -40.25 19.32 -7.23
CA GLN C 27 -40.07 18.23 -8.22
C GLN C 27 -38.58 17.86 -8.32
N GLY C 28 -38.26 16.61 -8.00
CA GLY C 28 -36.88 16.11 -8.18
C GLY C 28 -36.02 16.25 -6.93
N HIS C 29 -36.47 17.02 -5.93
CA HIS C 29 -35.72 17.08 -4.71
C HIS C 29 -35.85 15.74 -3.97
N PRO C 30 -34.73 15.10 -3.62
CA PRO C 30 -34.78 13.76 -2.98
C PRO C 30 -35.31 13.76 -1.54
N MET C 31 -35.37 14.92 -0.90
CA MET C 31 -35.94 15.05 0.45
C MET C 31 -37.47 14.92 0.36
N LYS C 32 -37.97 13.88 1.03
CA LYS C 32 -39.39 13.44 0.95
C LYS C 32 -39.96 13.38 2.38
N PRO C 33 -40.48 14.52 2.88
CA PRO C 33 -41.05 14.48 4.25
C PRO C 33 -42.15 13.41 4.49
N HIS C 34 -42.90 13.00 3.48
CA HIS C 34 -43.89 11.92 3.68
C HIS C 34 -43.23 10.60 4.08
N ARG C 35 -41.90 10.50 4.09
CA ARG C 35 -41.23 9.30 4.63
C ARG C 35 -41.51 9.17 6.13
N ILE C 36 -41.78 10.29 6.80
CA ILE C 36 -42.07 10.28 8.24
C ILE C 36 -43.48 9.70 8.45
N ARG C 37 -44.39 10.03 7.55
CA ARG C 37 -45.78 9.52 7.58
C ARG C 37 -45.76 8.02 7.29
N MET C 38 -44.95 7.59 6.31
CA MET C 38 -44.77 6.14 5.98
C MET C 38 -44.25 5.38 7.20
N THR C 39 -43.22 5.97 7.83
CA THR C 39 -42.62 5.44 9.06
C THR C 39 -43.74 5.26 10.09
N HIS C 40 -44.48 6.35 10.31
CA HIS C 40 -45.56 6.39 11.29
C HIS C 40 -46.62 5.31 10.97
N ASN C 41 -47.08 5.22 9.74
CA ASN C 41 -48.13 4.28 9.42
C ASN C 41 -47.64 2.86 9.72
N LEU C 42 -46.39 2.56 9.32
CA LEU C 42 -45.86 1.21 9.48
C LEU C 42 -45.79 0.83 10.96
N LEU C 43 -45.25 1.70 11.81
CA LEU C 43 -45.05 1.32 13.19
C LEU C 43 -46.39 1.31 13.95
N LEU C 44 -47.40 2.05 13.50
CA LEU C 44 -48.76 1.89 14.11
C LEU C 44 -49.30 0.49 13.80
N ASN C 45 -49.08 0.04 12.57
CA ASN C 45 -49.65 -1.21 12.08
C ASN C 45 -48.94 -2.40 12.76
N TYR C 46 -47.69 -2.22 13.16
CA TYR C 46 -46.99 -3.19 14.01
C TYR C 46 -47.51 -3.12 15.44
N GLY C 47 -48.35 -2.16 15.79
CA GLY C 47 -49.00 -2.10 17.10
C GLY C 47 -48.14 -1.45 18.18
N LEU C 48 -47.08 -0.75 17.81
CA LEU C 48 -46.09 -0.25 18.79
C LEU C 48 -46.58 0.99 19.53
N TYR C 49 -47.67 1.61 19.07
CA TYR C 49 -48.41 2.67 19.79
C TYR C 49 -49.06 2.11 21.06
N ARG C 50 -49.26 0.81 21.12
CA ARG C 50 -49.76 0.18 22.34
C ARG C 50 -48.72 0.38 23.45
N LYS C 51 -47.44 0.55 23.09
CA LYS C 51 -46.32 0.41 24.00
C LYS C 51 -45.71 1.78 24.36
N MET C 52 -46.24 2.89 23.84
CA MET C 52 -45.59 4.18 24.12
C MET C 52 -46.60 5.34 24.05
N GLU C 53 -46.16 6.49 24.54
CA GLU C 53 -46.99 7.69 24.53
C GLU C 53 -46.68 8.46 23.25
N ILE C 54 -47.73 8.78 22.50
CA ILE C 54 -47.60 9.55 21.25
C ILE C 54 -48.12 10.97 21.51
N TYR C 55 -47.29 11.95 21.19
CA TYR C 55 -47.60 13.38 21.34
C TYR C 55 -47.55 14.09 19.99
N ARG C 56 -48.45 15.05 19.83
CA ARG C 56 -48.38 16.01 18.75
C ARG C 56 -47.58 17.22 19.25
N PRO C 57 -46.41 17.48 18.66
CA PRO C 57 -45.54 18.50 19.27
C PRO C 57 -46.11 19.91 19.04
N HIS C 58 -45.97 20.78 20.01
CA HIS C 58 -46.26 22.21 19.79
C HIS C 58 -45.25 22.74 18.76
N LYS C 59 -45.70 23.67 17.91
CA LYS C 59 -44.77 24.36 16.99
C LYS C 59 -43.72 25.13 17.80
N ALA C 60 -42.43 24.95 17.47
CA ALA C 60 -41.42 25.85 18.04
C ALA C 60 -41.66 27.27 17.51
N THR C 61 -41.57 28.27 18.39
CA THR C 61 -41.73 29.65 17.97
C THR C 61 -40.45 30.18 17.29
N ALA C 62 -40.61 31.21 16.48
CA ALA C 62 -39.48 31.98 15.96
C ALA C 62 -38.53 32.37 17.11
N GLU C 63 -39.09 32.84 18.24
CA GLU C 63 -38.28 33.28 19.40
C GLU C 63 -37.40 32.12 19.91
N GLU C 64 -38.00 30.94 20.09
CA GLU C 64 -37.25 29.73 20.53
C GLU C 64 -36.07 29.48 19.59
N MET C 65 -36.28 29.58 18.28
CA MET C 65 -35.25 29.35 17.27
C MET C 65 -34.07 30.33 17.39
N THR C 66 -34.37 31.59 17.77
CA THR C 66 -33.33 32.61 17.99
C THR C 66 -32.53 32.35 19.28
N LYS C 67 -32.83 31.33 20.07
CA LYS C 67 -31.88 30.91 21.10
C LYS C 67 -30.54 30.49 20.47
N TYR C 68 -30.56 30.07 19.21
CA TYR C 68 -29.32 29.69 18.54
C TYR C 68 -29.13 30.49 17.24
N HIS C 69 -30.15 30.48 16.37
CA HIS C 69 -30.11 31.15 15.07
C HIS C 69 -30.20 32.68 15.21
N SER C 70 -29.64 33.36 14.22
CA SER C 70 -29.72 34.82 14.21
C SER C 70 -31.15 35.27 13.87
N ASP C 71 -31.48 36.45 14.36
CA ASP C 71 -32.82 37.05 14.13
C ASP C 71 -33.13 37.26 12.64
N GLU C 72 -32.15 37.79 11.90
CA GLU C 72 -32.29 38.06 10.47
C GLU C 72 -32.51 36.77 9.66
N TYR C 73 -31.79 35.71 9.97
CA TYR C 73 -31.99 34.42 9.29
C TYR C 73 -33.42 33.91 9.55
N ILE C 74 -33.86 33.99 10.81
CA ILE C 74 -35.14 33.41 11.19
C ILE C 74 -36.25 34.27 10.58
N LYS C 75 -36.06 35.59 10.61
CA LYS C 75 -37.01 36.53 9.97
C LYS C 75 -37.14 36.22 8.47
N PHE C 76 -35.99 35.96 7.85
CA PHE C 76 -35.93 35.59 6.43
C PHE C 76 -36.77 34.31 6.22
N LEU C 77 -36.55 33.29 7.03
CA LEU C 77 -37.26 32.00 6.91
C LEU C 77 -38.78 32.20 7.05
N ARG C 78 -39.22 33.15 7.87
CA ARG C 78 -40.63 33.42 8.09
C ARG C 78 -41.24 34.17 6.90
N SER C 79 -40.44 34.97 6.18
CA SER C 79 -40.95 35.92 5.18
C SER C 79 -40.86 35.35 3.76
N ILE C 80 -39.94 34.44 3.51
CA ILE C 80 -39.65 34.00 2.14
C ILE C 80 -40.78 33.08 1.66
N ARG C 81 -41.27 33.38 0.46
CA ARG C 81 -42.32 32.58 -0.20
C ARG C 81 -41.91 32.33 -1.66
N PRO C 82 -42.39 31.23 -2.27
CA PRO C 82 -42.14 31.05 -3.72
C PRO C 82 -42.36 32.33 -4.53
N ASP C 83 -43.41 33.07 -4.25
CA ASP C 83 -43.75 34.20 -5.12
C ASP C 83 -43.08 35.53 -4.78
N ASN C 84 -42.17 35.59 -3.79
CA ASN C 84 -41.52 36.87 -3.45
C ASN C 84 -39.99 36.78 -3.58
N MET C 85 -39.45 35.66 -4.10
CA MET C 85 -38.00 35.38 -4.11
C MET C 85 -37.20 36.52 -4.77
N SER C 86 -37.72 37.07 -5.87
CA SER C 86 -37.09 38.20 -6.53
C SER C 86 -36.72 39.31 -5.54
N GLU C 87 -37.59 39.57 -4.54
CA GLU C 87 -37.34 40.64 -3.53
C GLU C 87 -36.15 40.28 -2.64
N TYR C 88 -35.84 38.98 -2.46
CA TYR C 88 -34.94 38.52 -1.39
C TYR C 88 -33.67 37.88 -1.95
N SER C 89 -33.22 38.23 -3.16
CA SER C 89 -32.13 37.44 -3.78
C SER C 89 -30.83 37.56 -2.96
N LYS C 90 -30.62 38.72 -2.32
CA LYS C 90 -29.39 38.95 -1.55
C LYS C 90 -29.45 38.15 -0.24
N GLN C 91 -30.60 38.14 0.43
CA GLN C 91 -30.74 37.32 1.65
C GLN C 91 -30.63 35.83 1.27
N MET C 92 -31.12 35.46 0.09
CA MET C 92 -31.06 34.08 -0.35
C MET C 92 -29.59 33.67 -0.50
N GLN C 93 -28.75 34.55 -1.03
CA GLN C 93 -27.30 34.25 -1.09
C GLN C 93 -26.71 34.24 0.34
N ARG C 94 -27.08 35.22 1.14
CA ARG C 94 -26.54 35.34 2.49
C ARG C 94 -26.81 34.05 3.28
N PHE C 95 -28.02 33.52 3.12
CA PHE C 95 -28.53 32.47 4.00
C PHE C 95 -28.51 31.12 3.29
N ASN C 96 -28.11 31.07 2.01
CA ASN C 96 -27.91 29.79 1.24
C ASN C 96 -29.26 29.08 1.02
N VAL C 97 -30.28 29.84 0.62
CA VAL C 97 -31.62 29.29 0.39
C VAL C 97 -32.01 29.59 -1.07
N GLY C 98 -32.52 28.61 -1.81
CA GLY C 98 -32.90 28.80 -3.23
C GLY C 98 -32.48 27.65 -4.13
N GLU C 99 -31.42 26.91 -3.76
CA GLU C 99 -30.93 25.81 -4.60
C GLU C 99 -31.02 24.50 -3.81
N ASP C 100 -29.92 24.05 -3.19
CA ASP C 100 -29.92 22.85 -2.36
C ASP C 100 -31.05 22.86 -1.33
N CYS C 101 -31.27 24.05 -0.78
CA CYS C 101 -32.26 24.26 0.26
C CYS C 101 -33.37 25.17 -0.31
N PRO C 102 -34.37 24.57 -0.97
CA PRO C 102 -35.34 25.37 -1.72
C PRO C 102 -36.32 26.19 -0.84
N VAL C 103 -36.95 27.13 -1.50
CA VAL C 103 -38.08 27.84 -0.94
C VAL C 103 -39.34 27.07 -1.36
N PHE C 104 -40.08 26.56 -0.38
CA PHE C 104 -41.36 25.92 -0.67
C PHE C 104 -42.43 26.43 0.31
N ASP C 105 -43.68 26.19 -0.07
CA ASP C 105 -44.83 26.59 0.75
C ASP C 105 -44.74 25.92 2.10
N GLY C 106 -44.90 26.69 3.17
CA GLY C 106 -44.92 26.14 4.52
C GLY C 106 -43.55 25.74 5.05
N LEU C 107 -42.49 26.23 4.40
CA LEU C 107 -41.11 26.01 4.85
C LEU C 107 -40.98 26.32 6.35
N PHE C 108 -41.52 27.47 6.78
CA PHE C 108 -41.33 27.87 8.16
C PHE C 108 -42.05 26.91 9.12
N GLU C 109 -43.28 26.55 8.79
CA GLU C 109 -44.09 25.64 9.67
C GLU C 109 -43.42 24.27 9.75
N PHE C 110 -42.80 23.87 8.65
CA PHE C 110 -42.07 22.63 8.63
C PHE C 110 -40.92 22.71 9.63
N CYS C 111 -40.18 23.82 9.60
CA CYS C 111 -39.14 24.06 10.60
C CYS C 111 -39.71 24.02 12.03
N GLN C 112 -40.87 24.67 12.25
CA GLN C 112 -41.51 24.72 13.58
C GLN C 112 -41.89 23.32 14.07
N LEU C 113 -42.37 22.45 13.19
CA LEU C 113 -42.85 21.12 13.60
C LEU C 113 -41.68 20.17 13.87
N SER C 114 -40.71 20.21 12.97
CA SER C 114 -39.46 19.47 13.12
C SER C 114 -38.79 19.81 14.47
N THR C 115 -38.68 21.12 14.76
CA THR C 115 -37.95 21.60 15.93
C THR C 115 -38.76 21.36 17.20
N GLY C 116 -40.07 21.64 17.13
CA GLY C 116 -40.99 21.41 18.24
C GLY C 116 -40.85 20.00 18.82
N GLY C 117 -40.85 19.02 17.91
CA GLY C 117 -40.62 17.62 18.28
C GLY C 117 -39.35 17.39 19.08
N SER C 118 -38.23 17.96 18.66
CA SER C 118 -36.95 17.70 19.35
C SER C 118 -36.92 18.43 20.71
N VAL C 119 -37.41 19.67 20.74
CA VAL C 119 -37.40 20.47 21.98
C VAL C 119 -38.37 19.84 23.00
N ALA C 120 -39.54 19.45 22.50
CA ALA C 120 -40.55 18.86 23.38
C ALA C 120 -39.98 17.59 24.02
N GLY C 121 -39.29 16.78 23.20
CA GLY C 121 -38.58 15.57 23.67
C GLY C 121 -37.62 15.85 24.82
N ALA C 122 -36.76 16.86 24.59
CA ALA C 122 -35.77 17.33 25.57
C ALA C 122 -36.44 17.73 26.89
N VAL C 123 -37.53 18.50 26.79
CA VAL C 123 -38.28 19.00 27.95
C VAL C 123 -38.79 17.80 28.76
N LYS C 124 -39.24 16.77 28.05
CA LYS C 124 -39.87 15.63 28.72
C LYS C 124 -38.80 14.82 29.47
N LEU C 125 -37.63 14.69 28.83
CA LEU C 125 -36.45 14.11 29.49
C LEU C 125 -36.03 15.00 30.67
N ASN C 126 -35.99 16.31 30.48
CA ASN C 126 -35.58 17.20 31.57
C ASN C 126 -36.51 16.98 32.77
N ARG C 127 -37.79 16.81 32.51
CA ARG C 127 -38.80 16.70 33.58
C ARG C 127 -38.79 15.28 34.16
N GLN C 128 -37.91 14.41 33.67
CA GLN C 128 -37.86 13.03 34.13
C GLN C 128 -39.24 12.37 34.01
N GLN C 129 -39.95 12.63 32.90
CA GLN C 129 -41.28 12.04 32.64
C GLN C 129 -41.19 10.98 31.54
N THR C 130 -40.01 10.74 30.99
CA THR C 130 -39.76 9.60 30.08
C THR C 130 -38.29 9.21 30.18
N ASP C 131 -37.95 8.04 29.66
CA ASP C 131 -36.56 7.60 29.55
C ASP C 131 -36.05 7.83 28.18
N MET C 132 -36.94 7.70 27.17
CA MET C 132 -36.55 7.92 25.79
C MET C 132 -37.58 8.86 25.14
N ALA C 133 -37.10 9.78 24.31
CA ALA C 133 -37.94 10.60 23.49
C ALA C 133 -37.52 10.44 22.02
N VAL C 134 -38.52 10.37 21.14
CA VAL C 134 -38.29 10.07 19.74
C VAL C 134 -38.98 11.13 18.87
N ASN C 135 -38.21 11.72 17.94
CA ASN C 135 -38.73 12.65 16.93
C ASN C 135 -38.09 12.33 15.57
N TRP C 136 -38.78 11.51 14.77
CA TRP C 136 -38.19 11.07 13.48
C TRP C 136 -38.17 12.23 12.47
N ALA C 137 -38.95 13.30 12.69
CA ALA C 137 -38.95 14.46 11.80
C ALA C 137 -37.79 15.43 12.13
N GLY C 138 -37.06 15.16 13.22
CA GLY C 138 -35.90 15.97 13.63
C GLY C 138 -34.58 15.46 13.08
N GLY C 139 -33.48 16.03 13.58
CA GLY C 139 -32.12 15.58 13.22
C GLY C 139 -31.49 16.36 12.07
N LEU C 140 -31.91 17.61 11.88
CA LEU C 140 -31.47 18.36 10.69
C LEU C 140 -30.12 19.03 10.96
N HIS C 141 -29.07 18.19 10.92
CA HIS C 141 -27.80 18.47 11.57
C HIS C 141 -26.95 19.51 10.83
N HIS C 142 -27.25 19.85 9.57
CA HIS C 142 -26.39 20.76 8.81
C HIS C 142 -26.76 22.23 9.04
N ALA C 143 -27.94 22.56 9.59
CA ALA C 143 -28.31 23.98 9.69
C ALA C 143 -27.30 24.71 10.60
N LYS C 144 -26.90 25.92 10.19
CA LYS C 144 -25.98 26.76 10.98
C LYS C 144 -26.73 28.00 11.54
N LYS C 145 -26.04 28.80 12.33
CA LYS C 145 -26.62 30.00 12.98
C LYS C 145 -27.39 30.85 11.96
N SER C 146 -26.75 31.11 10.82
CA SER C 146 -27.24 32.08 9.83
C SER C 146 -27.23 31.48 8.42
N GLU C 147 -27.45 30.18 8.30
CA GLU C 147 -27.28 29.55 7.01
C GLU C 147 -28.03 28.20 6.98
N ALA C 148 -28.89 28.05 5.97
CA ALA C 148 -29.42 26.73 5.59
C ALA C 148 -28.32 25.93 4.89
N SER C 149 -28.39 24.62 5.01
CA SER C 149 -27.40 23.78 4.39
C SER C 149 -27.87 22.31 4.29
N GLY C 150 -27.67 21.70 3.14
CA GLY C 150 -27.92 20.25 2.95
C GLY C 150 -29.35 19.87 3.33
N PHE C 151 -30.30 20.68 2.90
CA PHE C 151 -31.75 20.45 3.08
C PHE C 151 -32.23 20.83 4.50
N CYS C 152 -31.34 21.35 5.35
CA CYS C 152 -31.62 21.70 6.74
C CYS C 152 -31.66 23.21 6.89
N TYR C 153 -32.66 23.73 7.59
CA TYR C 153 -32.83 25.18 7.72
C TYR C 153 -32.70 25.59 9.20
N VAL C 154 -33.32 24.83 10.09
CA VAL C 154 -33.31 25.14 11.52
C VAL C 154 -32.75 23.93 12.26
N ASN C 155 -31.76 24.17 13.12
CA ASN C 155 -31.04 23.08 13.73
C ASN C 155 -31.77 22.64 15.00
N ASP C 156 -32.75 21.77 14.81
CA ASP C 156 -33.53 21.25 15.93
C ASP C 156 -32.64 20.56 16.97
N ILE C 157 -31.55 19.94 16.52
CA ILE C 157 -30.67 19.19 17.42
C ILE C 157 -30.05 20.16 18.45
N VAL C 158 -29.49 21.23 17.93
CA VAL C 158 -28.78 22.20 18.79
C VAL C 158 -29.77 22.81 19.79
N LEU C 159 -30.95 23.18 19.31
CA LEU C 159 -32.00 23.77 20.21
C LEU C 159 -32.45 22.76 21.28
N ALA C 160 -32.57 21.48 20.92
CA ALA C 160 -32.91 20.42 21.87
C ALA C 160 -31.81 20.29 22.92
N ILE C 161 -30.55 20.32 22.49
CA ILE C 161 -29.38 20.18 23.39
C ILE C 161 -29.29 21.40 24.32
N LEU C 162 -29.55 22.61 23.82
CA LEU C 162 -29.54 23.78 24.72
C LEU C 162 -30.57 23.57 25.83
N GLU C 163 -31.73 23.01 25.47
CA GLU C 163 -32.77 22.72 26.44
C GLU C 163 -32.25 21.69 27.45
N LEU C 164 -31.71 20.57 26.96
CA LEU C 164 -31.12 19.53 27.85
C LEU C 164 -30.08 20.13 28.78
N LEU C 165 -29.30 21.09 28.32
CA LEU C 165 -28.20 21.65 29.13
C LEU C 165 -28.71 22.44 30.33
N LYS C 166 -30.01 22.73 30.40
CA LYS C 166 -30.56 23.41 31.58
C LYS C 166 -30.58 22.44 32.77
N TYR C 167 -30.69 21.15 32.50
CA TYR C 167 -30.83 20.14 33.55
C TYR C 167 -29.64 19.17 33.54
N HIS C 168 -28.79 19.21 32.52
CA HIS C 168 -27.75 18.21 32.33
C HIS C 168 -26.41 18.91 32.19
N GLN C 169 -25.50 18.56 33.09
CA GLN C 169 -24.17 19.10 33.08
C GLN C 169 -23.48 18.77 31.74
N ARG C 170 -23.54 17.51 31.32
CA ARG C 170 -22.83 17.02 30.13
C ARG C 170 -23.81 16.25 29.23
N VAL C 171 -23.86 16.63 27.95
CA VAL C 171 -24.72 15.97 26.96
C VAL C 171 -23.83 15.37 25.87
N LEU C 172 -24.08 14.10 25.53
CA LEU C 172 -23.34 13.44 24.48
C LEU C 172 -24.22 13.36 23.22
N TYR C 173 -23.68 13.85 22.10
CA TYR C 173 -24.33 13.76 20.79
C TYR C 173 -23.60 12.73 19.94
N ILE C 174 -24.37 11.79 19.38
CA ILE C 174 -23.86 10.72 18.54
C ILE C 174 -24.60 10.78 17.21
N ASP C 175 -23.87 10.69 16.11
CA ASP C 175 -24.42 10.94 14.77
C ASP C 175 -24.04 9.77 13.86
N ILE C 176 -25.02 8.91 13.47
CA ILE C 176 -24.72 7.75 12.61
C ILE C 176 -25.28 7.96 11.21
N ASP C 177 -25.85 9.13 10.95
CA ASP C 177 -26.10 9.62 9.57
C ASP C 177 -24.82 9.47 8.72
N ILE C 178 -24.96 9.27 7.41
CA ILE C 178 -23.76 9.10 6.57
C ILE C 178 -22.98 10.43 6.44
N HIS C 179 -23.66 11.56 6.66
CA HIS C 179 -23.03 12.88 6.58
C HIS C 179 -22.48 13.30 7.94
N HIS C 180 -21.43 14.13 7.92
CA HIS C 180 -20.90 14.76 9.15
C HIS C 180 -21.96 15.68 9.75
N GLY C 181 -22.11 15.62 11.07
CA GLY C 181 -23.01 16.50 11.82
C GLY C 181 -22.37 17.86 12.10
N ASP C 182 -22.10 18.61 11.04
CA ASP C 182 -21.21 19.77 11.15
C ASP C 182 -21.85 20.92 11.93
N GLY C 183 -23.16 21.10 11.71
CA GLY C 183 -23.94 22.11 12.40
C GLY C 183 -23.93 21.94 13.92
N VAL C 184 -24.00 20.70 14.39
CA VAL C 184 -24.05 20.43 15.85
C VAL C 184 -22.64 20.61 16.42
N GLU C 185 -21.68 20.06 15.67
CA GLU C 185 -20.29 20.13 16.05
C GLU C 185 -19.90 21.59 16.21
N GLU C 186 -20.27 22.42 15.24
CA GLU C 186 -19.89 23.81 15.22
C GLU C 186 -20.51 24.53 16.42
N ALA C 187 -21.79 24.28 16.67
CA ALA C 187 -22.46 24.91 17.81
C ALA C 187 -21.66 24.69 19.09
N PHE C 188 -21.22 23.43 19.33
CA PHE C 188 -20.64 23.08 20.62
C PHE C 188 -19.12 22.88 20.54
N TYR C 189 -18.48 23.46 19.55
CA TYR C 189 -17.06 23.16 19.28
C TYR C 189 -16.13 23.63 20.42
N THR C 190 -16.50 24.70 21.13
CA THR C 190 -15.60 25.24 22.13
C THR C 190 -16.13 25.00 23.56
N THR C 191 -17.03 24.06 23.74
CA THR C 191 -17.52 23.74 25.08
C THR C 191 -17.30 22.26 25.39
N ASP C 192 -16.94 22.00 26.65
CA ASP C 192 -16.87 20.61 27.16
C ASP C 192 -18.23 20.09 27.70
N ARG C 193 -19.28 20.89 27.67
CA ARG C 193 -20.59 20.47 28.20
C ARG C 193 -21.41 19.70 27.15
N VAL C 194 -20.91 19.66 25.93
CA VAL C 194 -21.47 18.84 24.89
C VAL C 194 -20.31 18.19 24.13
N MET C 195 -20.33 16.86 24.05
CA MET C 195 -19.36 16.14 23.24
C MET C 195 -20.06 15.63 21.97
N THR C 196 -19.46 15.91 20.81
CA THR C 196 -20.04 15.51 19.56
C THR C 196 -19.18 14.40 18.95
N VAL C 197 -19.85 13.35 18.47
CA VAL C 197 -19.21 12.15 17.94
C VAL C 197 -19.93 11.79 16.63
N SER C 198 -19.24 11.91 15.51
CA SER C 198 -19.81 11.66 14.21
C SER C 198 -19.00 10.61 13.44
N PHE C 199 -19.73 9.64 12.89
CA PHE C 199 -19.26 8.67 11.90
C PHE C 199 -19.85 9.09 10.55
N HIS C 200 -19.01 9.16 9.52
CA HIS C 200 -19.49 9.72 8.26
C HIS C 200 -18.52 9.43 7.14
N LYS C 201 -19.09 9.41 5.93
CA LYS C 201 -18.36 9.38 4.69
C LYS C 201 -17.59 10.70 4.58
N TYR C 202 -16.32 10.57 4.23
CA TYR C 202 -15.42 11.73 4.18
C TYR C 202 -14.56 11.63 2.93
N GLY C 203 -14.32 12.78 2.30
CA GLY C 203 -13.58 12.83 1.05
C GLY C 203 -14.52 12.94 -0.15
N GLU C 204 -14.40 14.04 -0.89
CA GLU C 204 -15.22 14.29 -2.07
C GLU C 204 -16.69 14.01 -1.72
N TYR C 205 -17.16 14.59 -0.61
CA TYR C 205 -18.53 14.32 -0.13
C TYR C 205 -19.00 15.43 0.82
N PHE C 206 -20.30 15.73 0.74
CA PHE C 206 -20.93 16.79 1.52
C PHE C 206 -20.85 16.44 3.02
N PRO C 207 -20.58 17.41 3.90
CA PRO C 207 -20.32 18.80 3.55
C PRO C 207 -18.82 19.15 3.38
N GLY C 208 -17.93 18.16 3.53
CA GLY C 208 -16.46 18.36 3.35
C GLY C 208 -15.69 18.54 4.66
N THR C 209 -16.42 18.47 5.78
CA THR C 209 -15.90 18.68 7.13
C THR C 209 -15.92 17.35 7.90
N GLY C 210 -15.52 17.36 9.18
CA GLY C 210 -15.41 16.14 10.01
C GLY C 210 -14.15 15.35 9.72
N ASP C 211 -13.06 16.07 9.51
CA ASP C 211 -11.72 15.50 9.40
C ASP C 211 -11.38 14.85 10.74
N LEU C 212 -10.58 13.81 10.70
CA LEU C 212 -10.02 13.16 11.89
C LEU C 212 -9.40 14.19 12.84
N ARG C 213 -8.78 15.25 12.28
CA ARG C 213 -8.01 16.21 13.07
C ARG C 213 -8.92 17.27 13.72
N ASP C 214 -10.18 17.35 13.32
CA ASP C 214 -11.13 18.28 13.95
C ASP C 214 -11.63 17.77 15.34
N ILE C 215 -10.98 18.22 16.41
CA ILE C 215 -11.17 17.65 17.76
C ILE C 215 -11.79 18.70 18.70
N GLY C 216 -12.13 19.88 18.19
CA GLY C 216 -12.69 20.97 19.05
C GLY C 216 -11.63 21.98 19.42
N ALA C 217 -12.02 23.06 20.10
CA ALA C 217 -11.06 24.07 20.53
C ALA C 217 -11.42 24.61 21.92
N GLY C 218 -10.46 25.28 22.53
CA GLY C 218 -10.62 25.88 23.85
C GLY C 218 -11.02 24.81 24.85
N LYS C 219 -11.99 25.12 25.68
CA LYS C 219 -12.47 24.15 26.65
C LYS C 219 -13.02 22.91 25.92
N GLY C 220 -13.49 23.05 24.69
CA GLY C 220 -14.03 21.95 23.90
C GLY C 220 -12.97 21.09 23.22
N LYS C 221 -11.68 21.38 23.43
CA LYS C 221 -10.62 20.58 22.81
C LYS C 221 -10.67 19.14 23.34
N TYR C 222 -10.83 18.22 22.40
CA TYR C 222 -10.91 16.77 22.57
C TYR C 222 -12.37 16.36 22.85
N TYR C 223 -13.31 17.31 22.79
CA TYR C 223 -14.73 16.98 22.99
C TYR C 223 -15.48 16.97 21.65
N ALA C 224 -14.74 17.01 20.54
CA ALA C 224 -15.31 16.70 19.24
C ALA C 224 -14.55 15.49 18.65
N VAL C 225 -15.32 14.51 18.19
CA VAL C 225 -14.79 13.26 17.72
C VAL C 225 -15.37 12.98 16.34
N ASN C 226 -14.48 12.63 15.42
CA ASN C 226 -14.84 12.44 14.02
C ASN C 226 -14.17 11.16 13.52
N PHE C 227 -15.02 10.25 13.00
CA PHE C 227 -14.55 9.03 12.33
C PHE C 227 -14.93 9.07 10.85
N PRO C 228 -14.03 9.57 10.00
CA PRO C 228 -14.26 9.60 8.57
C PRO C 228 -14.07 8.20 7.95
N MET C 229 -15.02 7.81 7.10
CA MET C 229 -15.02 6.49 6.43
C MET C 229 -15.00 6.68 4.91
N ARG C 230 -14.60 5.64 4.20
CA ARG C 230 -14.74 5.59 2.76
C ARG C 230 -16.02 4.83 2.40
N ASP C 231 -16.32 4.72 1.11
CA ASP C 231 -17.51 3.99 0.63
C ASP C 231 -17.54 2.55 1.15
N GLY C 232 -18.75 2.06 1.39
CA GLY C 232 -19.05 0.64 1.41
C GLY C 232 -18.80 -0.02 2.75
N ILE C 233 -18.70 0.76 3.83
CA ILE C 233 -18.56 0.13 5.14
C ILE C 233 -19.81 -0.72 5.38
N ASP C 234 -19.64 -1.85 6.06
CA ASP C 234 -20.70 -2.84 6.26
C ASP C 234 -20.94 -3.04 7.77
N ASP C 235 -21.97 -3.81 8.09
CA ASP C 235 -22.40 -4.11 9.47
C ASP C 235 -21.24 -4.55 10.38
N GLU C 236 -20.45 -5.51 9.93
CA GLU C 236 -19.38 -6.04 10.76
C GLU C 236 -18.36 -4.93 11.05
N SER C 237 -17.92 -4.23 10.03
CA SER C 237 -16.89 -3.18 10.15
C SER C 237 -17.41 -2.03 11.01
N TYR C 238 -18.62 -1.58 10.77
CA TYR C 238 -19.18 -0.42 11.51
C TYR C 238 -19.32 -0.79 12.99
N GLY C 239 -19.86 -1.98 13.25
CA GLY C 239 -20.09 -2.44 14.61
C GLY C 239 -18.83 -2.49 15.44
N GLN C 240 -17.75 -3.01 14.85
CA GLN C 240 -16.53 -3.25 15.60
C GLN C 240 -15.81 -1.93 15.90
N ILE C 241 -16.19 -0.83 15.27
CA ILE C 241 -15.62 0.45 15.71
C ILE C 241 -16.65 1.24 16.55
N PHE C 242 -17.93 1.17 16.21
CA PHE C 242 -18.95 1.92 16.91
C PHE C 242 -18.92 1.58 18.42
N LYS C 243 -18.94 0.30 18.75
CA LYS C 243 -19.09 -0.14 20.15
C LYS C 243 -17.85 0.23 20.99
N PRO C 244 -16.63 -0.11 20.56
CA PRO C 244 -15.48 0.26 21.38
C PRO C 244 -15.36 1.79 21.59
N ILE C 245 -15.60 2.56 20.54
CA ILE C 245 -15.46 4.02 20.58
CA ILE C 245 -15.43 4.03 20.61
C ILE C 245 -16.51 4.61 21.54
N ILE C 246 -17.77 4.22 21.34
CA ILE C 246 -18.85 4.78 22.17
C ILE C 246 -18.60 4.38 23.65
N SER C 247 -18.27 3.11 23.90
CA SER C 247 -17.94 2.64 25.25
C SER C 247 -16.86 3.51 25.89
N LYS C 248 -15.81 3.82 25.13
CA LYS C 248 -14.71 4.60 25.70
C LYS C 248 -15.20 6.03 25.94
N VAL C 249 -15.98 6.57 25.00
CA VAL C 249 -16.53 7.94 25.12
C VAL C 249 -17.37 8.02 26.40
N MET C 250 -18.17 6.97 26.64
CA MET C 250 -19.07 6.92 27.82
C MET C 250 -18.23 6.93 29.10
N GLU C 251 -17.19 6.09 29.09
CA GLU C 251 -16.31 5.91 30.22
C GLU C 251 -15.60 7.21 30.57
N MET C 252 -15.14 7.95 29.55
CA MET C 252 -14.28 9.11 29.79
C MET C 252 -15.18 10.34 30.03
N TYR C 253 -16.22 10.51 29.22
CA TYR C 253 -17.05 11.72 29.26
C TYR C 253 -18.15 11.63 30.33
N GLN C 254 -18.66 10.43 30.62
CA GLN C 254 -19.67 10.21 31.66
C GLN C 254 -20.82 11.22 31.54
N PRO C 255 -21.54 11.24 30.40
CA PRO C 255 -22.63 12.18 30.13
C PRO C 255 -23.88 11.83 30.95
N SER C 256 -24.71 12.83 31.26
CA SER C 256 -25.96 12.57 31.98
C SER C 256 -27.14 12.47 31.00
N ALA C 257 -26.94 12.80 29.70
CA ALA C 257 -27.99 12.61 28.67
C ALA C 257 -27.35 12.40 27.28
N VAL C 258 -28.10 11.75 26.39
CA VAL C 258 -27.62 11.40 25.06
C VAL C 258 -28.65 11.81 24.00
N VAL C 259 -28.13 12.30 22.90
CA VAL C 259 -28.88 12.58 21.68
C VAL C 259 -28.26 11.74 20.55
N LEU C 260 -29.07 10.84 20.00
CA LEU C 260 -28.63 10.01 18.90
C LEU C 260 -29.41 10.40 17.64
N GLN C 261 -28.67 10.91 16.66
CA GLN C 261 -29.19 11.22 15.34
C GLN C 261 -29.08 9.93 14.53
N CYS C 262 -30.22 9.42 14.03
CA CYS C 262 -30.30 8.09 13.42
C CYS C 262 -30.53 8.18 11.91
N GLY C 263 -29.92 9.19 11.26
CA GLY C 263 -30.01 9.33 9.79
C GLY C 263 -29.85 8.00 9.08
N ALA C 264 -30.89 7.60 8.35
CA ALA C 264 -31.01 6.32 7.72
C ALA C 264 -30.34 6.32 6.33
N ASP C 265 -29.70 7.42 5.93
CA ASP C 265 -28.94 7.43 4.65
C ASP C 265 -27.60 6.64 4.64
N SER C 266 -27.23 6.10 5.79
CA SER C 266 -26.07 5.21 5.95
C SER C 266 -26.45 3.74 5.66
N LEU C 267 -27.71 3.51 5.26
CA LEU C 267 -28.15 2.16 4.88
C LEU C 267 -27.73 1.88 3.42
N SER C 268 -27.41 0.60 3.20
CA SER C 268 -27.28 0.03 1.86
C SER C 268 -28.46 0.47 0.99
N GLY C 269 -28.16 0.85 -0.26
CA GLY C 269 -29.19 1.14 -1.25
C GLY C 269 -29.75 2.54 -1.11
N ASP C 270 -29.25 3.37 -0.20
CA ASP C 270 -29.71 4.75 -0.16
C ASP C 270 -29.36 5.51 -1.45
N ARG C 271 -30.38 6.16 -2.01
CA ARG C 271 -30.27 6.95 -3.25
C ARG C 271 -29.12 7.96 -3.18
N LEU C 272 -28.83 8.56 -2.03
CA LEU C 272 -27.73 9.53 -1.96
C LEU C 272 -26.49 8.92 -1.29
N GLY C 273 -26.65 7.92 -0.42
CA GLY C 273 -25.54 7.39 0.37
C GLY C 273 -24.72 6.34 -0.37
N CYS C 274 -23.60 5.95 0.24
CA CYS C 274 -22.65 4.99 -0.32
C CYS C 274 -22.14 4.04 0.78
N PHE C 275 -22.91 3.84 1.85
CA PHE C 275 -22.59 2.83 2.87
C PHE C 275 -23.36 1.54 2.58
N ASN C 276 -23.04 0.47 3.33
CA ASN C 276 -23.60 -0.86 3.09
C ASN C 276 -24.20 -1.44 4.37
N LEU C 277 -24.80 -0.63 5.23
CA LEU C 277 -25.40 -1.15 6.48
C LEU C 277 -26.81 -1.68 6.19
N THR C 278 -27.21 -2.71 6.94
CA THR C 278 -28.61 -3.16 6.95
C THR C 278 -29.34 -2.46 8.10
N VAL C 279 -30.64 -2.68 8.16
CA VAL C 279 -31.45 -2.11 9.22
C VAL C 279 -30.96 -2.66 10.57
N LYS C 280 -30.59 -3.93 10.63
CA LYS C 280 -30.09 -4.55 11.87
C LYS C 280 -28.77 -3.89 12.28
N GLY C 281 -27.91 -3.65 11.30
CA GLY C 281 -26.62 -3.07 11.56
C GLY C 281 -26.74 -1.63 12.04
N HIS C 282 -27.62 -0.88 11.41
CA HIS C 282 -27.92 0.49 11.81
C HIS C 282 -28.47 0.49 13.24
N ALA C 283 -29.47 -0.37 13.50
CA ALA C 283 -30.15 -0.40 14.80
C ALA C 283 -29.24 -0.89 15.93
N LYS C 284 -28.19 -1.66 15.62
CA LYS C 284 -27.22 -2.12 16.65
C LYS C 284 -26.69 -0.91 17.44
N CYS C 285 -26.50 0.22 16.75
CA CYS C 285 -26.06 1.47 17.35
C CYS C 285 -27.06 1.92 18.42
N VAL C 286 -28.35 1.78 18.14
CA VAL C 286 -29.37 2.13 19.12
C VAL C 286 -29.27 1.18 20.33
N GLU C 287 -29.10 -0.11 20.11
CA GLU C 287 -29.02 -1.08 21.21
C GLU C 287 -27.83 -0.75 22.12
N VAL C 288 -26.67 -0.50 21.49
CA VAL C 288 -25.43 -0.18 22.19
C VAL C 288 -25.64 1.06 23.07
N VAL C 289 -26.24 2.11 22.53
CA VAL C 289 -26.45 3.36 23.31
C VAL C 289 -27.42 3.11 24.47
N LYS C 290 -28.47 2.33 24.22
CA LYS C 290 -29.47 1.98 25.25
C LYS C 290 -28.84 1.26 26.45
N THR C 291 -27.76 0.50 26.26
CA THR C 291 -27.16 -0.25 27.36
C THR C 291 -26.59 0.68 28.44
N PHE C 292 -26.36 1.97 28.17
CA PHE C 292 -25.75 2.83 29.18
C PHE C 292 -26.84 3.42 30.09
N ASN C 293 -28.10 3.20 29.73
CA ASN C 293 -29.28 3.50 30.60
C ASN C 293 -29.30 4.99 30.97
N LEU C 294 -29.02 5.84 30.01
CA LEU C 294 -29.04 7.28 30.19
C LEU C 294 -30.24 7.86 29.43
N PRO C 295 -30.82 8.97 29.91
CA PRO C 295 -31.84 9.73 29.17
C PRO C 295 -31.48 9.86 27.69
N LEU C 296 -32.40 9.52 26.78
CA LEU C 296 -32.00 9.42 25.39
C LEU C 296 -33.05 10.04 24.45
N LEU C 297 -32.59 11.03 23.67
CA LEU C 297 -33.36 11.65 22.59
C LEU C 297 -32.88 11.04 21.26
N MET C 298 -33.80 10.32 20.60
CA MET C 298 -33.56 9.72 19.31
C MET C 298 -34.25 10.53 18.21
N LEU C 299 -33.47 10.91 17.20
CA LEU C 299 -33.87 11.84 16.14
C LEU C 299 -33.67 11.19 14.78
N GLY C 300 -34.45 11.65 13.82
CA GLY C 300 -34.27 11.25 12.44
C GLY C 300 -33.03 11.85 11.80
N GLY C 301 -33.12 12.06 10.49
CA GLY C 301 -32.01 12.57 9.71
C GLY C 301 -32.26 12.39 8.21
N GLY C 302 -31.16 12.26 7.47
CA GLY C 302 -31.19 11.88 6.08
C GLY C 302 -31.80 10.50 5.86
N GLY C 303 -32.13 10.21 4.61
CA GLY C 303 -32.69 8.93 4.19
C GLY C 303 -33.54 9.11 2.96
N TYR C 304 -33.19 8.47 1.84
CA TYR C 304 -33.70 8.89 0.50
C TYR C 304 -34.27 7.70 -0.30
N THR C 305 -34.04 6.48 0.17
CA THR C 305 -34.81 5.32 -0.31
C THR C 305 -35.93 5.12 0.72
N ILE C 306 -37.11 5.67 0.48
CA ILE C 306 -37.96 5.97 1.63
C ILE C 306 -38.51 4.66 2.24
N ARG C 307 -38.77 3.63 1.44
CA ARG C 307 -39.19 2.34 2.00
C ARG C 307 -38.20 1.88 3.09
N ASN C 308 -36.89 2.01 2.85
CA ASN C 308 -35.85 1.56 3.79
C ASN C 308 -35.77 2.51 4.99
N VAL C 309 -36.07 3.79 4.80
CA VAL C 309 -36.15 4.73 5.90
C VAL C 309 -37.28 4.29 6.86
N ALA C 310 -38.42 3.96 6.28
CA ALA C 310 -39.56 3.45 7.05
C ALA C 310 -39.17 2.21 7.86
N ARG C 311 -38.53 1.24 7.21
CA ARG C 311 -38.13 -0.01 7.88
C ARG C 311 -37.23 0.31 9.09
N CYS C 312 -36.23 1.16 8.83
CA CYS C 312 -35.13 1.45 9.76
C CYS C 312 -35.70 2.08 11.03
N TRP C 313 -36.49 3.13 10.85
CA TRP C 313 -36.97 3.92 12.00
C TRP C 313 -38.09 3.17 12.73
N THR C 314 -38.86 2.34 12.02
CA THR C 314 -39.83 1.47 12.68
C THR C 314 -39.10 0.48 13.60
N TYR C 315 -38.06 -0.17 13.07
CA TYR C 315 -37.30 -1.18 13.83
C TYR C 315 -36.57 -0.53 15.00
N GLU C 316 -36.08 0.69 14.79
CA GLU C 316 -35.37 1.41 15.86
C GLU C 316 -36.36 1.84 16.95
N THR C 317 -37.62 2.11 16.57
CA THR C 317 -38.68 2.35 17.56
C THR C 317 -38.90 1.08 18.38
N ALA C 318 -38.94 -0.07 17.71
CA ALA C 318 -39.18 -1.35 18.38
C ALA C 318 -38.03 -1.65 19.36
N VAL C 319 -36.81 -1.38 18.92
CA VAL C 319 -35.60 -1.47 19.75
C VAL C 319 -35.69 -0.52 20.96
N ALA C 320 -36.08 0.73 20.75
CA ALA C 320 -36.28 1.63 21.88
C ALA C 320 -37.19 0.93 22.90
N LEU C 321 -38.25 0.30 22.39
CA LEU C 321 -39.30 -0.29 23.22
C LEU C 321 -38.90 -1.69 23.72
N ASP C 322 -37.69 -2.15 23.43
CA ASP C 322 -37.30 -3.54 23.67
C ASP C 322 -38.42 -4.50 23.24
N CYS C 323 -38.90 -4.33 22.01
CA CYS C 323 -40.08 -5.06 21.52
C CYS C 323 -39.75 -5.69 20.16
N GLU C 324 -39.51 -7.00 20.15
CA GLU C 324 -39.23 -7.73 18.91
C GLU C 324 -40.47 -7.69 18.02
N ILE C 325 -40.25 -7.50 16.73
CA ILE C 325 -41.37 -7.42 15.82
C ILE C 325 -41.11 -8.36 14.65
N PRO C 326 -42.16 -8.98 14.10
CA PRO C 326 -42.01 -9.88 12.97
C PRO C 326 -41.35 -9.22 11.74
N ASN C 327 -40.60 -10.05 11.02
CA ASN C 327 -39.96 -9.69 9.76
C ASN C 327 -41.01 -9.56 8.66
N GLU C 328 -42.16 -10.20 8.82
CA GLU C 328 -43.27 -10.01 7.89
C GLU C 328 -43.92 -8.67 8.23
N LEU C 329 -43.90 -7.76 7.28
CA LEU C 329 -44.52 -6.45 7.45
C LEU C 329 -46.03 -6.60 7.67
N PRO C 330 -46.60 -5.84 8.62
CA PRO C 330 -48.07 -5.88 8.73
C PRO C 330 -48.68 -5.18 7.50
N TYR C 331 -49.97 -5.39 7.26
CA TYR C 331 -50.61 -4.57 6.25
C TYR C 331 -50.53 -3.09 6.67
N ASN C 332 -50.47 -2.21 5.69
CA ASN C 332 -50.34 -0.78 5.93
C ASN C 332 -50.73 -0.03 4.65
N ASP C 333 -50.88 1.26 4.77
CA ASP C 333 -51.35 2.10 3.66
C ASP C 333 -50.34 2.30 2.53
N TYR C 334 -49.09 1.91 2.78
CA TYR C 334 -48.00 2.03 1.81
C TYR C 334 -47.43 0.64 1.50
N PHE C 335 -48.24 -0.40 1.65
CA PHE C 335 -47.76 -1.78 1.66
C PHE C 335 -47.01 -2.08 0.35
N GLU C 336 -47.56 -1.63 -0.79
CA GLU C 336 -47.00 -1.87 -2.14
C GLU C 336 -45.57 -1.30 -2.25
N TYR C 337 -45.24 -0.28 -1.47
CA TYR C 337 -43.89 0.31 -1.50
C TYR C 337 -42.83 -0.68 -1.01
N PHE C 338 -43.24 -1.76 -0.35
CA PHE C 338 -42.29 -2.63 0.33
C PHE C 338 -42.10 -3.94 -0.46
N GLY C 339 -42.70 -4.06 -1.64
CA GLY C 339 -42.52 -5.26 -2.48
C GLY C 339 -41.13 -5.32 -3.11
N PRO C 340 -40.75 -6.47 -3.66
CA PRO C 340 -41.60 -7.65 -3.79
C PRO C 340 -41.43 -8.66 -2.65
N ASP C 341 -40.57 -8.35 -1.68
CA ASP C 341 -40.31 -9.23 -0.51
C ASP C 341 -41.31 -8.97 0.63
N PHE C 342 -41.68 -7.70 0.83
CA PHE C 342 -42.64 -7.27 1.85
C PHE C 342 -42.11 -7.59 3.26
N LYS C 343 -40.79 -7.57 3.42
CA LYS C 343 -40.14 -7.87 4.70
C LYS C 343 -39.60 -6.57 5.30
N LEU C 344 -39.30 -6.63 6.59
CA LEU C 344 -38.82 -5.49 7.34
C LEU C 344 -37.30 -5.33 7.13
N HIS C 345 -36.57 -6.43 7.22
CA HIS C 345 -35.13 -6.34 7.17
C HIS C 345 -34.69 -6.30 5.70
N ILE C 346 -33.45 -5.84 5.47
CA ILE C 346 -32.88 -5.71 4.11
C ILE C 346 -31.51 -6.40 4.09
N SER C 347 -31.10 -6.77 2.88
CA SER C 347 -29.80 -7.39 2.66
C SER C 347 -28.82 -6.34 2.15
N PRO C 348 -27.53 -6.51 2.50
CA PRO C 348 -26.50 -5.62 2.01
C PRO C 348 -26.29 -5.93 0.52
N SER C 349 -25.71 -4.99 -0.22
CA SER C 349 -25.32 -5.25 -1.62
C SER C 349 -23.93 -5.90 -1.63
N ASN C 350 -23.40 -6.17 -2.82
CA ASN C 350 -22.06 -6.74 -2.93
C ASN C 350 -21.02 -5.62 -3.11
N MET C 351 -21.37 -4.36 -2.83
CA MET C 351 -20.47 -3.24 -3.12
C MET C 351 -19.16 -3.43 -2.34
N THR C 352 -18.03 -3.02 -2.92
CA THR C 352 -16.72 -3.18 -2.24
C THR C 352 -16.65 -2.26 -1.02
N ASN C 353 -16.11 -2.81 0.09
CA ASN C 353 -15.79 -2.04 1.29
C ASN C 353 -14.43 -1.37 1.10
N GLN C 354 -14.42 -0.06 0.90
CA GLN C 354 -13.17 0.69 0.60
C GLN C 354 -12.42 1.05 1.89
N ASN C 355 -12.99 0.75 3.06
CA ASN C 355 -12.33 0.94 4.35
C ASN C 355 -11.43 -0.25 4.68
N THR C 356 -10.15 -0.16 4.37
CA THR C 356 -9.24 -1.27 4.66
C THR C 356 -9.10 -1.47 6.18
N PRO C 357 -8.81 -2.72 6.60
CA PRO C 357 -8.45 -2.99 8.01
C PRO C 357 -7.38 -2.03 8.57
N GLU C 358 -6.34 -1.73 7.78
CA GLU C 358 -5.28 -0.80 8.19
C GLU C 358 -5.84 0.62 8.42
N TYR C 359 -6.67 1.09 7.50
CA TYR C 359 -7.26 2.42 7.59
C TYR C 359 -8.11 2.53 8.87
N MET C 360 -9.03 1.57 9.06
CA MET C 360 -9.92 1.54 10.21
C MET C 360 -9.09 1.54 11.50
N GLU C 361 -8.03 0.73 11.52
CA GLU C 361 -7.23 0.62 12.72
C GLU C 361 -6.51 1.94 13.01
N LYS C 362 -5.91 2.57 12.01
CA LYS C 362 -5.24 3.87 12.19
C LYS C 362 -6.22 4.89 12.79
N ILE C 363 -7.42 5.00 12.22
CA ILE C 363 -8.43 5.99 12.66
C ILE C 363 -8.79 5.70 14.12
N LYS C 364 -9.10 4.42 14.40
CA LYS C 364 -9.48 3.96 15.74
C LYS C 364 -8.36 4.26 16.74
N GLN C 365 -7.11 3.96 16.40
CA GLN C 365 -6.02 4.22 17.36
C GLN C 365 -5.92 5.73 17.64
N ARG C 366 -6.02 6.58 16.62
CA ARG C 366 -5.94 8.05 16.85
C ARG C 366 -7.08 8.51 17.77
N LEU C 367 -8.30 8.05 17.52
CA LEU C 367 -9.45 8.47 18.35
C LEU C 367 -9.26 8.08 19.81
N PHE C 368 -8.81 6.84 20.07
CA PHE C 368 -8.58 6.37 21.46
C PHE C 368 -7.51 7.23 22.12
N GLU C 369 -6.48 7.62 21.37
CA GLU C 369 -5.42 8.51 21.88
C GLU C 369 -6.06 9.84 22.30
N ASN C 370 -6.95 10.34 21.45
CA ASN C 370 -7.64 11.60 21.67
C ASN C 370 -8.51 11.50 22.94
N LEU C 371 -9.23 10.40 23.08
CA LEU C 371 -10.15 10.22 24.20
C LEU C 371 -9.34 10.10 25.50
N ARG C 372 -8.14 9.51 25.44
CA ARG C 372 -7.25 9.41 26.62
C ARG C 372 -6.85 10.81 27.12
N MET C 373 -7.03 11.87 26.31
CA MET C 373 -6.70 13.23 26.77
C MET C 373 -7.83 13.85 27.60
N LEU C 374 -8.97 13.18 27.83
CA LEU C 374 -9.99 13.69 28.79
C LEU C 374 -9.49 13.46 30.22
N PRO C 375 -9.93 14.30 31.18
CA PRO C 375 -9.58 14.27 32.60
C PRO C 375 -9.14 12.90 33.15
#